data_5T2K
#
_entry.id   5T2K
#
_cell.length_a   131.016
_cell.length_b   93.458
_cell.length_c   132.543
_cell.angle_alpha   90.00
_cell.angle_beta   105.31
_cell.angle_gamma   90.00
#
_symmetry.space_group_name_H-M   'C 1 2 1'
#
loop_
_entity.id
_entity.type
_entity.pdbx_description
1 polymer 'Putative heme-dependent peroxidase GT50_08830'
2 non-polymer "[3,3',3'',3'''-(3,8,13,17-tetramethylporphyrin-2,7,12,18-tetrayl-kappa~4~N~21~,N~22~,N~23~,N~24~)tetra(propanoato)(2-)]manganese"
3 water water
#
_entity_poly.entity_id   1
_entity_poly.type   'polypeptide(L)'
_entity_poly.pdbx_seq_one_letter_code
;MSEAAQTLDGWYCLHDFRTIDWSAWKTLPNEEREAAISEFLALVDQWETTESEKQGSHAVYTIVGQKADILFMILRPTLD
ELHEIETALNKTKLADYLLPAYSYVSVVELSNYLASGSEDPYQIPEVRRRLYPILPKTNYICFYPMDKRRQGNDNWYMLS
MEQRRELMRAHGMTGRKYAGKVTQIITGSVGLDDFEWGVTLFSDDALQFKKLVYEMRFDEVSARFGEFGSFFVGTRLPME
NVSSFFHV
;
_entity_poly.pdbx_strand_id   A,B,C,D,E
#
# COMPACT_ATOMS: atom_id res chain seq x y z
N SER A 2 -27.51 17.39 11.29
CA SER A 2 -28.65 16.50 11.51
C SER A 2 -28.49 15.71 12.82
N GLU A 3 -29.57 15.07 13.25
CA GLU A 3 -29.62 14.38 14.53
C GLU A 3 -28.74 13.14 14.54
N ALA A 4 -27.85 13.04 15.51
CA ALA A 4 -26.96 11.90 15.60
C ALA A 4 -27.73 10.63 15.98
N ALA A 5 -27.33 9.51 15.38
CA ALA A 5 -27.89 8.24 15.82
C ALA A 5 -27.39 7.93 17.22
N GLN A 6 -28.20 7.18 17.98
CA GLN A 6 -27.84 6.73 19.32
C GLN A 6 -27.75 5.23 19.35
N THR A 7 -26.91 4.70 20.23
CA THR A 7 -26.63 3.27 20.27
C THR A 7 -26.75 2.72 21.68
N LEU A 8 -27.13 1.46 21.73
CA LEU A 8 -26.88 0.58 22.87
C LEU A 8 -25.63 -0.25 22.54
N ASP A 9 -24.77 -0.44 23.54
CA ASP A 9 -23.48 -1.09 23.28
C ASP A 9 -23.24 -2.25 24.23
N GLY A 10 -22.72 -3.32 23.67
CA GLY A 10 -22.45 -4.54 24.41
C GLY A 10 -20.98 -4.86 24.53
N TRP A 11 -20.64 -6.14 24.36
CA TRP A 11 -19.28 -6.59 24.56
C TRP A 11 -18.33 -6.00 23.53
N TYR A 12 -17.10 -5.76 23.98
CA TYR A 12 -15.99 -5.50 23.07
C TYR A 12 -15.64 -6.76 22.27
N CYS A 13 -15.15 -6.54 21.05
CA CYS A 13 -14.89 -7.60 20.09
C CYS A 13 -13.51 -7.43 19.50
N LEU A 14 -12.75 -8.52 19.48
CA LEU A 14 -11.47 -8.60 18.79
C LEU A 14 -11.61 -9.64 17.69
N HIS A 15 -11.32 -9.23 16.46
CA HIS A 15 -11.07 -10.17 15.36
C HIS A 15 -9.57 -10.24 15.18
N ASP A 16 -8.98 -11.40 15.43
CA ASP A 16 -7.54 -11.57 15.35
C ASP A 16 -7.25 -12.58 14.26
N PHE A 17 -6.68 -12.12 13.14
CA PHE A 17 -6.33 -12.96 11.99
C PHE A 17 -4.83 -13.19 11.92
N ARG A 18 -4.45 -14.44 11.67
CA ARG A 18 -3.06 -14.86 11.57
C ARG A 18 -2.83 -15.72 10.34
N THR A 19 -1.59 -15.68 9.86
N THR A 19 -1.59 -15.69 9.83
CA THR A 19 -1.08 -16.58 8.85
CA THR A 19 -1.16 -16.64 8.82
C THR A 19 -0.25 -17.64 9.54
C THR A 19 -0.21 -17.63 9.48
N ILE A 20 -0.29 -18.88 9.05
CA ILE A 20 0.49 -19.97 9.64
C ILE A 20 1.83 -20.08 8.91
N ASP A 21 2.91 -20.06 9.68
CA ASP A 21 4.27 -20.22 9.16
C ASP A 21 4.57 -21.71 9.06
N TRP A 22 4.00 -22.35 8.03
CA TRP A 22 4.11 -23.79 7.90
C TRP A 22 5.57 -24.24 7.79
N SER A 23 6.39 -23.54 7.00
CA SER A 23 7.77 -23.99 6.80
C SER A 23 8.56 -23.99 8.10
N ALA A 24 8.33 -22.98 8.96
CA ALA A 24 8.99 -22.97 10.26
C ALA A 24 8.42 -24.01 11.20
N TRP A 25 7.09 -24.18 11.18
CA TRP A 25 6.43 -25.17 12.04
C TRP A 25 6.95 -26.58 11.76
N LYS A 26 7.22 -26.90 10.49
CA LYS A 26 7.69 -28.23 10.12
C LYS A 26 9.06 -28.52 10.72
N THR A 27 9.86 -27.49 10.97
CA THR A 27 11.19 -27.73 11.54
C THR A 27 11.16 -27.93 13.04
N LEU A 28 10.05 -27.65 13.71
CA LEU A 28 9.96 -27.82 15.15
C LEU A 28 9.80 -29.30 15.48
N PRO A 29 10.61 -29.84 16.42
CA PRO A 29 10.47 -31.27 16.75
C PRO A 29 9.03 -31.63 17.11
N ASN A 30 8.64 -32.85 16.74
CA ASN A 30 7.29 -33.31 16.97
C ASN A 30 6.82 -33.12 18.42
N GLU A 31 7.65 -33.49 19.40
CA GLU A 31 7.12 -33.37 20.76
C GLU A 31 6.90 -31.89 21.14
N GLU A 32 7.67 -30.96 20.56
CA GLU A 32 7.45 -29.55 20.83
C GLU A 32 6.19 -29.03 20.13
N ARG A 33 5.92 -29.51 18.91
N ARG A 33 5.92 -29.51 18.91
CA ARG A 33 4.63 -29.20 18.29
CA ARG A 33 4.63 -29.20 18.29
C ARG A 33 3.49 -29.71 19.14
C ARG A 33 3.49 -29.71 19.14
N GLU A 34 3.61 -30.94 19.67
CA GLU A 34 2.53 -31.50 20.49
C GLU A 34 2.32 -30.67 21.74
N ALA A 35 3.40 -30.23 22.36
CA ALA A 35 3.29 -29.39 23.55
C ALA A 35 2.68 -28.04 23.23
N ALA A 36 3.05 -27.46 22.07
CA ALA A 36 2.47 -26.18 21.65
C ALA A 36 0.96 -26.31 21.42
N ILE A 37 0.53 -27.39 20.78
CA ILE A 37 -0.90 -27.60 20.59
C ILE A 37 -1.60 -27.79 21.93
N SER A 38 -0.99 -28.55 22.85
CA SER A 38 -1.59 -28.70 24.17
C SER A 38 -1.69 -27.37 24.90
N GLU A 39 -0.64 -26.56 24.84
CA GLU A 39 -0.65 -25.27 25.51
C GLU A 39 -1.77 -24.38 24.95
N PHE A 40 -1.88 -24.35 23.62
CA PHE A 40 -2.94 -23.57 22.97
C PHE A 40 -4.33 -24.03 23.40
N LEU A 41 -4.56 -25.35 23.40
CA LEU A 41 -5.88 -25.86 23.76
C LEU A 41 -6.21 -25.58 25.23
N ALA A 42 -5.20 -25.53 26.11
CA ALA A 42 -5.48 -25.16 27.49
C ALA A 42 -5.92 -23.70 27.59
N LEU A 43 -5.26 -22.83 26.82
CA LEU A 43 -5.71 -21.45 26.74
C LEU A 43 -7.17 -21.37 26.32
N VAL A 44 -7.53 -22.07 25.23
CA VAL A 44 -8.91 -22.04 24.77
C VAL A 44 -9.84 -22.61 25.84
N ASP A 45 -9.39 -23.62 26.59
CA ASP A 45 -10.20 -24.13 27.68
CA ASP A 45 -10.19 -24.13 27.69
C ASP A 45 -10.59 -23.01 28.63
N GLN A 46 -9.65 -22.11 28.92
CA GLN A 46 -9.99 -20.95 29.75
C GLN A 46 -11.06 -20.08 29.07
N TRP A 47 -10.93 -19.84 27.77
CA TRP A 47 -11.96 -19.08 27.06
C TRP A 47 -13.33 -19.76 27.17
N GLU A 48 -13.37 -21.09 27.00
CA GLU A 48 -14.62 -21.82 27.09
C GLU A 48 -15.22 -21.69 28.49
N THR A 49 -14.38 -21.70 29.51
CA THR A 49 -14.88 -21.49 30.87
C THR A 49 -15.54 -20.11 31.00
N THR A 50 -14.88 -19.07 30.50
CA THR A 50 -15.49 -17.74 30.50
C THR A 50 -16.82 -17.72 29.77
N GLU A 51 -16.91 -18.39 28.62
CA GLU A 51 -18.16 -18.42 27.87
C GLU A 51 -19.25 -19.15 28.63
N SER A 52 -18.93 -20.30 29.23
CA SER A 52 -19.94 -21.03 29.98
C SER A 52 -20.45 -20.20 31.17
N GLU A 53 -19.60 -19.37 31.74
CA GLU A 53 -20.01 -18.45 32.81
C GLU A 53 -20.73 -17.21 32.29
N LYS A 54 -20.99 -17.13 30.99
CA LYS A 54 -21.70 -15.99 30.40
C LYS A 54 -20.96 -14.68 30.62
N GLN A 55 -19.62 -14.74 30.59
CA GLN A 55 -18.81 -13.54 30.73
C GLN A 55 -18.00 -13.25 29.46
N GLY A 56 -18.40 -13.82 28.35
CA GLY A 56 -17.71 -13.60 27.09
C GLY A 56 -18.09 -14.69 26.11
N SER A 57 -17.48 -14.62 24.93
CA SER A 57 -17.73 -15.64 23.91
C SER A 57 -16.54 -15.65 22.97
N HIS A 58 -16.41 -16.71 22.18
CA HIS A 58 -15.32 -16.78 21.22
C HIS A 58 -15.67 -17.78 20.11
N ALA A 59 -14.91 -17.70 19.03
CA ALA A 59 -15.04 -18.60 17.89
C ALA A 59 -13.69 -18.67 17.19
N VAL A 60 -13.41 -19.82 16.57
CA VAL A 60 -12.15 -20.06 15.87
C VAL A 60 -12.48 -20.64 14.51
N TYR A 61 -11.95 -20.03 13.45
CA TYR A 61 -12.22 -20.43 12.07
C TYR A 61 -10.91 -20.44 11.31
N THR A 62 -10.74 -21.38 10.37
CA THR A 62 -9.64 -21.31 9.41
C THR A 62 -10.12 -20.52 8.19
N ILE A 63 -9.23 -19.72 7.63
CA ILE A 63 -9.59 -18.75 6.59
C ILE A 63 -9.08 -19.24 5.25
N VAL A 64 -9.94 -19.13 4.23
CA VAL A 64 -9.59 -19.58 2.89
C VAL A 64 -8.80 -18.49 2.18
N GLY A 65 -7.80 -18.93 1.39
CA GLY A 65 -6.96 -18.01 0.65
C GLY A 65 -5.75 -17.59 1.46
N GLN A 66 -5.02 -16.63 0.92
CA GLN A 66 -3.74 -16.21 1.51
C GLN A 66 -3.83 -15.00 2.42
N LYS A 67 -4.96 -14.31 2.51
CA LYS A 67 -5.04 -13.12 3.35
C LYS A 67 -4.87 -13.47 4.82
N ALA A 68 -5.34 -14.64 5.21
CA ALA A 68 -5.19 -15.16 6.55
C ALA A 68 -5.41 -16.66 6.49
N ASP A 69 -4.98 -17.35 7.55
CA ASP A 69 -5.19 -18.78 7.71
C ASP A 69 -6.05 -19.15 8.90
N ILE A 70 -6.10 -18.30 9.93
CA ILE A 70 -6.89 -18.62 11.12
C ILE A 70 -7.39 -17.32 11.75
N LEU A 71 -8.61 -17.38 12.29
CA LEU A 71 -9.29 -16.28 12.95
C LEU A 71 -9.70 -16.70 14.36
N PHE A 72 -9.33 -15.87 15.33
CA PHE A 72 -9.85 -15.93 16.69
C PHE A 72 -10.75 -14.72 16.88
N MET A 73 -12.05 -14.97 17.06
CA MET A 73 -13.00 -13.91 17.35
C MET A 73 -13.37 -13.99 18.82
N ILE A 74 -13.09 -12.92 19.58
CA ILE A 74 -13.18 -12.92 21.04
C ILE A 74 -14.03 -11.74 21.53
N LEU A 75 -15.06 -12.03 22.30
CA LEU A 75 -15.93 -11.01 22.88
C LEU A 75 -15.77 -11.00 24.40
N ARG A 76 -15.53 -9.81 24.95
CA ARG A 76 -15.34 -9.65 26.38
C ARG A 76 -15.97 -8.35 26.87
N PRO A 77 -16.31 -8.26 28.16
CA PRO A 77 -16.90 -7.04 28.71
C PRO A 77 -15.96 -5.83 28.75
N THR A 78 -14.65 -6.03 28.76
CA THR A 78 -13.74 -4.90 28.85
C THR A 78 -12.65 -4.98 27.79
N LEU A 79 -12.14 -3.80 27.43
CA LEU A 79 -11.00 -3.72 26.53
C LEU A 79 -9.76 -4.36 27.14
N ASP A 80 -9.58 -4.19 28.46
CA ASP A 80 -8.44 -4.79 29.14
C ASP A 80 -8.40 -6.30 28.96
N GLU A 81 -9.54 -6.97 29.06
CA GLU A 81 -9.56 -8.43 28.87
C GLU A 81 -9.14 -8.82 27.46
N LEU A 82 -9.51 -8.02 26.45
CA LEU A 82 -9.01 -8.28 25.10
C LEU A 82 -7.49 -8.12 25.05
N HIS A 83 -6.95 -7.06 25.67
CA HIS A 83 -5.50 -6.90 25.71
C HIS A 83 -4.85 -8.10 26.40
N GLU A 84 -5.46 -8.57 27.50
N GLU A 84 -5.45 -8.59 27.48
CA GLU A 84 -4.92 -9.69 28.27
CA GLU A 84 -4.81 -9.69 28.22
C GLU A 84 -4.89 -10.95 27.42
C GLU A 84 -4.89 -10.99 27.44
N ILE A 85 -6.00 -11.23 26.74
CA ILE A 85 -6.11 -12.45 25.94
C ILE A 85 -5.15 -12.40 24.76
N GLU A 86 -5.04 -11.25 24.09
CA GLU A 86 -4.07 -11.12 23.00
C GLU A 86 -2.64 -11.35 23.50
N THR A 87 -2.30 -10.77 24.65
CA THR A 87 -0.96 -10.90 25.17
C THR A 87 -0.67 -12.36 25.56
N ALA A 88 -1.61 -13.02 26.22
CA ALA A 88 -1.42 -14.42 26.61
C ALA A 88 -1.27 -15.31 25.39
N LEU A 89 -2.07 -15.07 24.35
CA LEU A 89 -1.94 -15.83 23.12
C LEU A 89 -0.56 -15.62 22.50
N ASN A 90 -0.11 -14.37 22.44
CA ASN A 90 1.16 -14.11 21.77
C ASN A 90 2.33 -14.71 22.52
N LYS A 91 2.15 -15.00 23.80
CA LYS A 91 3.23 -15.63 24.57
C LYS A 91 3.24 -17.15 24.46
N THR A 92 2.27 -17.78 23.81
CA THR A 92 2.34 -19.22 23.61
C THR A 92 3.39 -19.57 22.54
N LYS A 93 3.84 -20.83 22.58
CA LYS A 93 4.79 -21.29 21.57
C LYS A 93 4.15 -21.29 20.19
N LEU A 94 2.89 -21.73 20.11
CA LEU A 94 2.21 -21.79 18.81
C LEU A 94 2.15 -20.42 18.15
N ALA A 95 1.95 -19.36 18.93
CA ALA A 95 1.85 -18.03 18.35
C ALA A 95 3.12 -17.63 17.63
N ASP A 96 4.27 -18.22 17.97
CA ASP A 96 5.48 -17.91 17.23
C ASP A 96 5.34 -18.28 15.75
N TYR A 97 4.39 -19.14 15.43
CA TYR A 97 4.11 -19.60 14.07
C TYR A 97 2.81 -19.02 13.54
N LEU A 98 2.18 -18.12 14.30
CA LEU A 98 0.95 -17.46 13.89
C LEU A 98 1.28 -15.98 13.66
N LEU A 99 1.61 -15.65 12.42
CA LEU A 99 2.10 -14.34 12.03
C LEU A 99 0.95 -13.37 11.85
N PRO A 100 1.15 -12.10 12.16
CA PRO A 100 0.07 -11.12 12.04
C PRO A 100 -0.43 -11.04 10.60
N ALA A 101 -1.76 -10.93 10.47
CA ALA A 101 -2.36 -10.84 9.15
C ALA A 101 -3.32 -9.67 9.12
N TYR A 102 -4.21 -9.60 10.11
CA TYR A 102 -5.17 -8.49 10.13
C TYR A 102 -5.85 -8.55 11.49
N SER A 103 -6.39 -7.41 11.92
CA SER A 103 -7.07 -7.39 13.21
C SER A 103 -8.15 -6.31 13.21
N TYR A 104 -9.10 -6.46 14.12
CA TYR A 104 -10.17 -5.50 14.20
C TYR A 104 -10.65 -5.40 15.64
N VAL A 105 -10.84 -4.16 16.11
CA VAL A 105 -11.29 -3.87 17.48
C VAL A 105 -12.58 -3.10 17.38
N SER A 106 -13.63 -3.59 18.05
CA SER A 106 -14.96 -3.00 17.89
C SER A 106 -15.83 -3.33 19.12
N VAL A 107 -17.09 -2.89 19.10
N VAL A 107 -17.09 -2.87 19.08
CA VAL A 107 -18.00 -3.17 20.21
CA VAL A 107 -18.05 -3.11 20.17
C VAL A 107 -19.40 -3.44 19.66
C VAL A 107 -19.39 -3.48 19.57
N VAL A 108 -20.03 -4.51 20.15
CA VAL A 108 -21.36 -4.87 19.69
C VAL A 108 -22.30 -3.68 19.87
N GLU A 109 -23.07 -3.36 18.83
CA GLU A 109 -23.84 -2.12 18.74
C GLU A 109 -25.24 -2.40 18.23
N LEU A 110 -26.24 -1.76 18.86
CA LEU A 110 -27.60 -1.68 18.35
C LEU A 110 -27.97 -0.21 18.23
N SER A 111 -28.61 0.17 17.13
CA SER A 111 -28.85 1.58 16.92
C SER A 111 -30.30 1.95 17.18
N ASN A 112 -30.52 3.26 17.08
CA ASN A 112 -31.73 4.02 17.34
C ASN A 112 -32.73 4.01 16.18
N TYR A 113 -32.35 3.48 15.01
CA TYR A 113 -33.11 3.80 13.79
C TYR A 113 -34.47 3.13 13.79
N LEU A 114 -34.51 1.84 14.13
CA LEU A 114 -35.77 1.11 14.12
C LEU A 114 -36.04 0.58 15.52
N ILE A 124 -34.76 -6.31 28.37
CA ILE A 124 -35.37 -7.45 27.68
C ILE A 124 -34.33 -8.53 27.32
N PRO A 125 -34.70 -9.78 27.59
CA PRO A 125 -33.77 -10.89 27.28
C PRO A 125 -33.33 -10.92 25.82
N GLU A 126 -34.23 -10.59 24.89
CA GLU A 126 -33.88 -10.65 23.47
C GLU A 126 -32.80 -9.64 23.13
N VAL A 127 -32.90 -8.42 23.66
CA VAL A 127 -31.85 -7.42 23.42
C VAL A 127 -30.53 -7.90 23.98
N ARG A 128 -30.54 -8.47 25.19
CA ARG A 128 -29.27 -8.88 25.80
C ARG A 128 -28.64 -10.03 25.05
N ARG A 129 -29.44 -10.88 24.42
CA ARG A 129 -28.84 -11.95 23.64
C ARG A 129 -28.08 -11.36 22.45
N ARG A 130 -28.48 -10.17 21.98
CA ARG A 130 -27.80 -9.51 20.88
C ARG A 130 -26.61 -8.68 21.35
N LEU A 131 -26.73 -8.01 22.50
CA LEU A 131 -25.63 -7.20 23.02
C LEU A 131 -24.47 -8.05 23.52
N TYR A 132 -24.76 -9.25 24.01
CA TYR A 132 -23.77 -10.15 24.62
C TYR A 132 -23.89 -11.50 23.94
N PRO A 133 -23.53 -11.59 22.65
CA PRO A 133 -23.93 -12.76 21.87
C PRO A 133 -23.03 -13.96 22.13
N ILE A 134 -23.67 -15.12 22.21
CA ILE A 134 -22.96 -16.39 22.10
C ILE A 134 -22.79 -16.67 20.62
N LEU A 135 -21.55 -16.75 20.15
CA LEU A 135 -21.33 -16.85 18.72
C LEU A 135 -21.85 -18.19 18.20
N PRO A 136 -22.52 -18.20 17.05
CA PRO A 136 -23.06 -19.47 16.53
C PRO A 136 -21.97 -20.43 16.10
N LYS A 137 -22.29 -21.73 16.17
CA LYS A 137 -21.36 -22.77 15.73
C LYS A 137 -21.65 -23.18 14.29
N THR A 138 -21.72 -22.20 13.39
CA THR A 138 -22.03 -22.48 12.00
C THR A 138 -20.81 -23.00 11.26
N ASN A 139 -21.07 -23.67 10.14
CA ASN A 139 -19.98 -24.20 9.33
C ASN A 139 -19.04 -23.09 8.85
N TYR A 140 -19.58 -21.89 8.56
CA TYR A 140 -18.83 -20.85 7.90
C TYR A 140 -19.00 -19.50 8.57
N ILE A 141 -17.99 -18.67 8.35
CA ILE A 141 -17.99 -17.28 8.81
C ILE A 141 -17.55 -16.35 7.67
N CYS A 142 -18.01 -15.11 7.72
CA CYS A 142 -17.57 -14.06 6.81
C CYS A 142 -17.34 -12.80 7.63
N PHE A 143 -16.22 -12.10 7.43
CA PHE A 143 -15.98 -10.84 8.13
C PHE A 143 -15.53 -9.76 7.14
N TYR A 144 -16.11 -8.57 7.26
CA TYR A 144 -15.52 -7.41 6.59
C TYR A 144 -15.85 -6.13 7.35
N PRO A 145 -15.01 -5.11 7.26
CA PRO A 145 -15.35 -3.81 7.85
C PRO A 145 -15.96 -2.90 6.79
N MET A 146 -16.65 -1.84 7.23
CA MET A 146 -17.23 -0.87 6.29
C MET A 146 -17.35 0.51 6.94
N ASP A 147 -17.41 1.52 6.04
CA ASP A 147 -17.75 2.89 6.34
C ASP A 147 -19.04 3.24 5.62
N LYS A 148 -19.68 4.31 6.06
CA LYS A 148 -20.73 4.92 5.27
C LYS A 148 -20.20 6.22 4.66
N ARG A 149 -20.36 6.33 3.35
CA ARG A 149 -19.73 7.38 2.56
C ARG A 149 -20.12 8.79 2.99
N ARG A 150 -19.13 9.71 2.88
CA ARG A 150 -19.30 11.16 3.10
C ARG A 150 -18.74 11.91 1.87
N GLN A 151 -19.43 11.82 0.74
CA GLN A 151 -18.91 12.29 -0.55
C GLN A 151 -20.03 12.97 -1.33
N GLY A 152 -19.84 14.24 -1.66
CA GLY A 152 -20.84 14.97 -2.44
C GLY A 152 -22.24 14.83 -1.89
N ASN A 153 -23.18 14.44 -2.77
CA ASN A 153 -24.56 14.13 -2.40
C ASN A 153 -24.72 12.78 -1.73
N ASP A 154 -23.69 11.96 -1.72
CA ASP A 154 -23.76 10.69 -1.03
C ASP A 154 -23.01 10.84 0.29
N ASN A 155 -23.61 11.65 1.18
CA ASN A 155 -23.02 11.93 2.49
C ASN A 155 -24.05 11.48 3.52
N TRP A 156 -23.79 10.30 4.08
CA TRP A 156 -24.71 9.67 5.02
C TRP A 156 -24.93 10.54 6.24
N TYR A 157 -23.86 11.14 6.73
CA TYR A 157 -23.91 11.85 7.99
C TYR A 157 -24.53 13.24 7.87
N MET A 158 -24.74 13.75 6.65
CA MET A 158 -25.51 14.96 6.41
C MET A 158 -26.99 14.71 6.18
N LEU A 159 -27.40 13.46 6.00
CA LEU A 159 -28.81 13.16 5.83
C LEU A 159 -29.58 13.40 7.11
N SER A 160 -30.86 13.69 6.97
CA SER A 160 -31.73 13.81 8.13
C SER A 160 -31.94 12.45 8.80
N MET A 161 -32.32 12.50 10.08
CA MET A 161 -32.65 11.26 10.78
C MET A 161 -33.76 10.50 10.05
N GLU A 162 -34.76 11.21 9.54
CA GLU A 162 -35.87 10.54 8.86
C GLU A 162 -35.41 9.81 7.60
N GLN A 163 -34.53 10.45 6.82
CA GLN A 163 -33.99 9.83 5.63
C GLN A 163 -33.21 8.57 5.99
N ARG A 164 -32.34 8.67 7.00
CA ARG A 164 -31.55 7.51 7.41
C ARG A 164 -32.45 6.37 7.92
N ARG A 165 -33.49 6.71 8.68
CA ARG A 165 -34.44 5.70 9.13
C ARG A 165 -35.08 4.97 7.96
N GLU A 166 -35.56 5.70 6.94
CA GLU A 166 -36.21 5.05 5.81
C GLU A 166 -35.24 4.16 5.03
N LEU A 167 -33.99 4.65 4.83
CA LEU A 167 -32.99 3.82 4.15
C LEU A 167 -32.72 2.53 4.93
N MET A 168 -32.66 2.64 6.27
CA MET A 168 -32.42 1.45 7.07
C MET A 168 -33.63 0.52 7.10
N ARG A 169 -34.83 1.06 7.00
CA ARG A 169 -36.00 0.19 6.91
C ARG A 169 -35.90 -0.72 5.69
N ALA A 170 -35.55 -0.14 4.54
CA ALA A 170 -35.41 -0.98 3.34
C ALA A 170 -34.32 -2.05 3.54
N HIS A 171 -33.17 -1.64 4.10
CA HIS A 171 -32.12 -2.59 4.43
C HIS A 171 -32.63 -3.77 5.27
N GLY A 172 -33.37 -3.46 6.33
CA GLY A 172 -33.86 -4.50 7.22
C GLY A 172 -34.82 -5.44 6.52
N MET A 173 -35.68 -4.89 5.65
CA MET A 173 -36.57 -5.75 4.86
C MET A 173 -35.79 -6.74 4.01
N THR A 174 -34.71 -6.28 3.35
CA THR A 174 -33.88 -7.23 2.59
C THR A 174 -33.24 -8.26 3.50
N GLY A 175 -32.72 -7.83 4.65
CA GLY A 175 -32.07 -8.77 5.56
C GLY A 175 -33.02 -9.83 6.07
N ARG A 176 -34.27 -9.45 6.32
CA ARG A 176 -35.21 -10.41 6.89
C ARG A 176 -35.47 -11.59 5.96
N LYS A 177 -35.28 -11.43 4.66
CA LYS A 177 -35.43 -12.54 3.72
C LYS A 177 -34.42 -13.65 4.01
N TYR A 178 -33.32 -13.34 4.66
CA TYR A 178 -32.29 -14.33 4.93
C TYR A 178 -32.37 -14.87 6.35
N ALA A 179 -33.51 -14.64 7.00
CA ALA A 179 -33.76 -15.21 8.32
C ALA A 179 -33.69 -16.73 8.24
N GLY A 180 -33.01 -17.33 9.20
CA GLY A 180 -32.79 -18.75 9.20
C GLY A 180 -31.69 -19.22 8.27
N LYS A 181 -31.14 -18.34 7.44
CA LYS A 181 -30.00 -18.71 6.59
C LYS A 181 -28.69 -18.08 7.04
N VAL A 182 -28.72 -16.82 7.50
CA VAL A 182 -27.52 -16.08 7.89
C VAL A 182 -27.84 -15.32 9.17
N THR A 183 -26.90 -15.33 10.11
N THR A 183 -26.91 -15.32 10.12
CA THR A 183 -27.00 -14.50 11.30
CA THR A 183 -27.03 -14.48 11.30
C THR A 183 -25.87 -13.47 11.28
C THR A 183 -25.88 -13.48 11.33
N GLN A 184 -26.23 -12.21 11.51
CA GLN A 184 -25.25 -11.12 11.48
C GLN A 184 -25.00 -10.61 12.88
N ILE A 185 -23.75 -10.28 13.15
CA ILE A 185 -23.34 -9.56 14.34
C ILE A 185 -22.64 -8.30 13.84
N ILE A 186 -23.27 -7.16 14.05
CA ILE A 186 -22.72 -5.87 13.67
C ILE A 186 -22.04 -5.27 14.88
N THR A 187 -20.78 -4.87 14.71
CA THR A 187 -20.06 -4.16 15.74
C THR A 187 -19.76 -2.73 15.25
N GLY A 188 -19.72 -1.79 16.18
CA GLY A 188 -19.37 -0.41 15.86
C GLY A 188 -17.92 -0.18 16.23
N SER A 189 -17.21 0.56 15.39
CA SER A 189 -15.79 0.81 15.58
C SER A 189 -15.40 2.27 15.38
N VAL A 190 -16.35 3.19 15.22
CA VAL A 190 -15.99 4.59 15.18
C VAL A 190 -15.23 4.94 16.46
N GLY A 191 -14.04 5.52 16.30
CA GLY A 191 -13.19 5.82 17.43
C GLY A 191 -12.37 4.66 17.96
N LEU A 192 -12.51 3.47 17.40
CA LEU A 192 -11.82 2.30 17.93
C LEU A 192 -10.92 1.62 16.91
N ASP A 193 -11.25 1.68 15.63
CA ASP A 193 -10.44 1.08 14.58
C ASP A 193 -10.64 1.89 13.30
N ASP A 194 -10.18 1.33 12.17
CA ASP A 194 -9.97 2.15 10.99
C ASP A 194 -11.22 2.38 10.16
N PHE A 195 -12.22 1.52 10.27
CA PHE A 195 -13.50 1.72 9.64
C PHE A 195 -14.55 2.04 10.71
N GLU A 196 -15.81 2.14 10.29
CA GLU A 196 -16.90 2.56 11.17
C GLU A 196 -17.70 1.41 11.75
N TRP A 197 -17.83 0.29 11.03
CA TRP A 197 -18.49 -0.90 11.53
C TRP A 197 -17.71 -2.15 11.13
N GLY A 198 -17.80 -3.18 11.96
CA GLY A 198 -17.44 -4.53 11.58
C GLY A 198 -18.71 -5.34 11.32
N VAL A 199 -18.68 -6.12 10.23
CA VAL A 199 -19.79 -6.99 9.84
C VAL A 199 -19.30 -8.43 9.92
N THR A 200 -19.90 -9.21 10.82
CA THR A 200 -19.60 -10.64 10.88
C THR A 200 -20.86 -11.42 10.56
N LEU A 201 -20.76 -12.32 9.59
CA LEU A 201 -21.86 -13.17 9.14
C LEU A 201 -21.55 -14.63 9.46
N PHE A 202 -22.56 -15.37 9.89
CA PHE A 202 -22.45 -16.78 10.23
C PHE A 202 -23.49 -17.55 9.43
N SER A 203 -23.07 -18.64 8.79
CA SER A 203 -24.02 -19.43 8.02
C SER A 203 -23.49 -20.85 7.85
N ASP A 204 -24.42 -21.80 7.70
CA ASP A 204 -24.04 -23.15 7.33
C ASP A 204 -23.87 -23.33 5.82
N ASP A 205 -24.13 -22.30 5.02
CA ASP A 205 -23.98 -22.35 3.57
C ASP A 205 -23.25 -21.08 3.14
N ALA A 206 -21.96 -21.20 2.78
CA ALA A 206 -21.16 -20.02 2.45
C ALA A 206 -21.76 -19.22 1.30
N LEU A 207 -22.47 -19.88 0.38
CA LEU A 207 -23.07 -19.16 -0.74
C LEU A 207 -24.01 -18.08 -0.26
N GLN A 208 -24.65 -18.27 0.89
CA GLN A 208 -25.58 -17.27 1.39
C GLN A 208 -24.88 -15.95 1.68
N PHE A 209 -23.59 -15.97 2.05
CA PHE A 209 -22.86 -14.71 2.19
C PHE A 209 -22.91 -13.94 0.88
N LYS A 210 -22.63 -14.63 -0.22
CA LYS A 210 -22.65 -13.97 -1.51
C LYS A 210 -24.05 -13.51 -1.86
N LYS A 211 -25.05 -14.36 -1.61
CA LYS A 211 -26.41 -14.02 -1.98
C LYS A 211 -26.88 -12.77 -1.24
N LEU A 212 -26.66 -12.74 0.07
CA LEU A 212 -27.13 -11.65 0.91
C LEU A 212 -26.41 -10.34 0.60
N VAL A 213 -25.07 -10.38 0.60
CA VAL A 213 -24.29 -9.14 0.44
C VAL A 213 -24.54 -8.54 -0.94
N TYR A 214 -24.61 -9.39 -1.98
CA TYR A 214 -24.87 -8.90 -3.33
C TYR A 214 -26.28 -8.33 -3.43
N GLU A 215 -27.27 -9.02 -2.85
CA GLU A 215 -28.62 -8.48 -2.91
C GLU A 215 -28.67 -7.14 -2.20
N MET A 216 -27.99 -7.03 -1.06
CA MET A 216 -28.03 -5.79 -0.31
C MET A 216 -27.34 -4.67 -1.05
N ARG A 217 -26.39 -5.00 -1.94
CA ARG A 217 -25.72 -3.92 -2.66
C ARG A 217 -26.68 -3.14 -3.53
N PHE A 218 -27.86 -3.70 -3.85
CA PHE A 218 -28.88 -2.96 -4.59
C PHE A 218 -29.86 -2.21 -3.69
N ASP A 219 -29.82 -2.40 -2.38
CA ASP A 219 -30.52 -1.48 -1.48
C ASP A 219 -29.83 -0.12 -1.54
N GLU A 220 -30.62 0.94 -1.47
CA GLU A 220 -30.06 2.27 -1.69
C GLU A 220 -29.00 2.62 -0.64
N VAL A 221 -29.17 2.18 0.62
CA VAL A 221 -28.17 2.53 1.64
C VAL A 221 -26.81 1.95 1.29
N SER A 222 -26.78 0.71 0.80
CA SER A 222 -25.49 0.10 0.42
C SER A 222 -25.00 0.63 -0.92
N ALA A 223 -25.90 0.76 -1.90
CA ALA A 223 -25.53 1.22 -3.24
C ALA A 223 -24.87 2.60 -3.19
N ARG A 224 -25.46 3.53 -2.43
CA ARG A 224 -25.00 4.91 -2.40
C ARG A 224 -23.97 5.17 -1.29
N PHE A 225 -24.02 4.43 -0.18
CA PHE A 225 -23.19 4.82 0.95
C PHE A 225 -22.18 3.77 1.42
N GLY A 226 -22.26 2.53 0.94
CA GLY A 226 -21.33 1.51 1.42
C GLY A 226 -19.91 1.71 0.91
N GLU A 227 -18.94 1.66 1.82
CA GLU A 227 -17.53 1.63 1.48
C GLU A 227 -16.94 0.45 2.23
N PHE A 228 -16.42 -0.53 1.51
CA PHE A 228 -16.06 -1.83 2.09
C PHE A 228 -14.57 -2.04 2.15
N GLY A 229 -14.12 -2.69 3.22
CA GLY A 229 -12.75 -3.18 3.34
C GLY A 229 -12.59 -4.57 2.77
N SER A 230 -11.63 -5.32 3.30
CA SER A 230 -11.37 -6.67 2.83
C SER A 230 -12.37 -7.66 3.42
N PHE A 231 -12.64 -8.71 2.65
CA PHE A 231 -13.58 -9.77 3.02
C PHE A 231 -12.81 -11.06 3.33
N PHE A 232 -13.13 -11.67 4.47
CA PHE A 232 -12.49 -12.89 4.94
C PHE A 232 -13.57 -13.96 5.13
N VAL A 233 -13.40 -15.13 4.51
N VAL A 233 -13.41 -15.13 4.49
CA VAL A 233 -14.36 -16.22 4.62
CA VAL A 233 -14.37 -16.22 4.63
C VAL A 233 -13.64 -17.45 5.17
C VAL A 233 -13.63 -17.42 5.21
N GLY A 234 -14.32 -18.16 6.08
CA GLY A 234 -13.68 -19.26 6.78
C GLY A 234 -14.61 -20.39 7.12
N THR A 235 -13.98 -21.50 7.51
CA THR A 235 -14.65 -22.72 7.96
C THR A 235 -14.36 -22.96 9.45
N ARG A 236 -15.38 -23.41 10.17
N ARG A 236 -15.37 -23.41 10.18
CA ARG A 236 -15.23 -23.58 11.61
CA ARG A 236 -15.23 -23.59 11.62
C ARG A 236 -14.14 -24.59 11.92
C ARG A 236 -14.11 -24.58 11.91
N LEU A 237 -13.33 -24.28 12.94
CA LEU A 237 -12.28 -25.18 13.43
C LEU A 237 -12.68 -25.70 14.80
N PRO A 238 -13.36 -26.84 14.88
CA PRO A 238 -13.63 -27.43 16.19
C PRO A 238 -12.32 -27.74 16.90
N MET A 239 -12.29 -27.54 18.23
CA MET A 239 -11.04 -27.77 18.96
C MET A 239 -10.57 -29.21 18.82
N GLU A 240 -11.51 -30.16 18.67
CA GLU A 240 -11.16 -31.55 18.47
C GLU A 240 -10.47 -31.82 17.13
N ASN A 241 -10.47 -30.84 16.21
CA ASN A 241 -9.77 -30.93 14.93
C ASN A 241 -8.44 -30.19 14.91
N VAL A 242 -8.12 -29.44 15.97
CA VAL A 242 -6.90 -28.62 15.95
C VAL A 242 -5.66 -29.48 15.73
N SER A 243 -5.52 -30.55 16.51
CA SER A 243 -4.34 -31.40 16.36
C SER A 243 -4.21 -31.85 14.92
N SER A 244 -5.33 -32.30 14.33
CA SER A 244 -5.28 -32.79 12.96
C SER A 244 -4.89 -31.68 12.01
N PHE A 245 -5.44 -30.48 12.22
CA PHE A 245 -5.17 -29.40 11.29
C PHE A 245 -3.69 -29.03 11.33
N PHE A 246 -3.07 -29.06 12.50
CA PHE A 246 -1.67 -28.64 12.59
C PHE A 246 -0.70 -29.81 12.41
N HIS A 247 -1.20 -31.00 12.09
CA HIS A 247 -0.32 -32.15 11.94
C HIS A 247 0.53 -32.04 10.67
N VAL A 248 1.84 -32.26 10.80
CA VAL A 248 2.75 -32.32 9.66
C VAL A 248 3.70 -33.51 9.81
N SER B 2 -33.40 -0.07 -6.86
CA SER B 2 -33.67 -0.83 -8.08
C SER B 2 -33.62 -2.35 -7.83
N GLU B 3 -34.11 -3.10 -8.82
CA GLU B 3 -34.25 -4.55 -8.70
C GLU B 3 -32.89 -5.24 -8.68
N ALA B 4 -32.65 -6.07 -7.67
CA ALA B 4 -31.36 -6.73 -7.56
C ALA B 4 -31.18 -7.79 -8.65
N ALA B 5 -29.95 -7.88 -9.16
CA ALA B 5 -29.66 -8.96 -10.10
C ALA B 5 -29.73 -10.28 -9.36
N GLN B 6 -30.15 -11.31 -10.08
CA GLN B 6 -30.18 -12.66 -9.55
C GLN B 6 -29.15 -13.49 -10.31
N THR B 7 -28.57 -14.47 -9.62
CA THR B 7 -27.46 -15.21 -10.17
C THR B 7 -27.73 -16.71 -10.11
N LEU B 8 -27.13 -17.42 -11.05
CA LEU B 8 -26.94 -18.86 -10.99
C LEU B 8 -25.51 -19.12 -10.55
N ASP B 9 -25.32 -20.05 -9.61
CA ASP B 9 -24.02 -20.20 -9.00
C ASP B 9 -23.55 -21.64 -9.09
N GLY B 10 -22.30 -21.78 -9.48
CA GLY B 10 -21.71 -23.09 -9.69
C GLY B 10 -20.60 -23.40 -8.72
N TRP B 11 -19.52 -23.95 -9.24
CA TRP B 11 -18.40 -24.37 -8.42
C TRP B 11 -17.72 -23.18 -7.78
N TYR B 12 -17.25 -23.40 -6.56
CA TYR B 12 -16.32 -22.50 -5.89
C TYR B 12 -14.95 -22.53 -6.59
N CYS B 13 -14.28 -21.39 -6.53
CA CYS B 13 -13.03 -21.16 -7.25
C CYS B 13 -11.99 -20.54 -6.33
N LEU B 14 -10.78 -21.08 -6.38
CA LEU B 14 -9.59 -20.51 -5.75
C LEU B 14 -8.57 -20.21 -6.83
N HIS B 15 -8.08 -18.97 -6.86
CA HIS B 15 -6.87 -18.59 -7.57
C HIS B 15 -5.77 -18.45 -6.54
N ASP B 16 -4.75 -19.28 -6.62
CA ASP B 16 -3.64 -19.27 -5.67
C ASP B 16 -2.37 -18.96 -6.44
N PHE B 17 -1.81 -17.77 -6.19
CA PHE B 17 -0.59 -17.31 -6.85
C PHE B 17 0.60 -17.38 -5.90
N ARG B 18 1.73 -17.83 -6.41
CA ARG B 18 2.94 -17.93 -5.62
C ARG B 18 4.14 -17.38 -6.37
N THR B 19 5.12 -16.94 -5.59
N THR B 19 5.13 -16.91 -5.61
CA THR B 19 6.45 -16.58 -6.06
CA THR B 19 6.45 -16.59 -6.14
C THR B 19 7.41 -17.70 -5.68
C THR B 19 7.42 -17.67 -5.69
N ILE B 20 8.35 -18.02 -6.56
CA ILE B 20 9.28 -19.13 -6.32
C ILE B 20 10.52 -18.59 -5.63
N ASP B 21 10.87 -19.20 -4.50
CA ASP B 21 12.05 -18.81 -3.73
C ASP B 21 13.24 -19.58 -4.32
N TRP B 22 13.72 -19.09 -5.46
CA TRP B 22 14.79 -19.79 -6.17
C TRP B 22 16.04 -19.91 -5.33
N SER B 23 16.42 -18.83 -4.61
CA SER B 23 17.69 -18.87 -3.89
C SER B 23 17.67 -19.95 -2.81
N ALA B 24 16.53 -20.12 -2.12
CA ALA B 24 16.44 -21.17 -1.12
C ALA B 24 16.35 -22.56 -1.75
N TRP B 25 15.59 -22.66 -2.85
CA TRP B 25 15.45 -23.94 -3.57
C TRP B 25 16.80 -24.47 -4.02
N LYS B 26 17.69 -23.56 -4.44
CA LYS B 26 19.01 -23.97 -4.92
C LYS B 26 19.85 -24.60 -3.82
N THR B 27 19.60 -24.26 -2.55
CA THR B 27 20.39 -24.79 -1.44
C THR B 27 19.90 -26.15 -0.96
N LEU B 28 18.71 -26.57 -1.40
CA LEU B 28 18.16 -27.86 -1.00
C LEU B 28 18.86 -28.97 -1.78
N PRO B 29 19.32 -30.03 -1.12
CA PRO B 29 20.00 -31.11 -1.84
C PRO B 29 19.15 -31.67 -2.98
N ASN B 30 19.84 -32.06 -4.05
CA ASN B 30 19.17 -32.53 -5.25
C ASN B 30 18.11 -33.60 -4.95
N GLU B 31 18.44 -34.62 -4.17
CA GLU B 31 17.47 -35.70 -3.98
C GLU B 31 16.24 -35.20 -3.21
N GLU B 32 16.40 -34.19 -2.37
CA GLU B 32 15.26 -33.63 -1.66
C GLU B 32 14.40 -32.80 -2.61
N ARG B 33 15.02 -32.11 -3.58
N ARG B 33 15.03 -32.11 -3.57
CA ARG B 33 14.25 -31.43 -4.61
CA ARG B 33 14.25 -31.43 -4.61
C ARG B 33 13.47 -32.43 -5.46
C ARG B 33 13.47 -32.43 -5.46
N GLU B 34 14.13 -33.52 -5.87
CA GLU B 34 13.44 -34.53 -6.66
C GLU B 34 12.25 -35.10 -5.90
N ALA B 35 12.43 -35.35 -4.60
CA ALA B 35 11.32 -35.85 -3.80
C ALA B 35 10.20 -34.83 -3.70
N ALA B 36 10.56 -33.56 -3.55
CA ALA B 36 9.54 -32.50 -3.47
C ALA B 36 8.73 -32.42 -4.76
N ILE B 37 9.39 -32.50 -5.91
CA ILE B 37 8.68 -32.48 -7.18
C ILE B 37 7.78 -33.71 -7.32
N SER B 38 8.29 -34.89 -6.93
CA SER B 38 7.45 -36.10 -6.97
C SER B 38 6.22 -35.93 -6.09
N GLU B 39 6.40 -35.37 -4.91
CA GLU B 39 5.29 -35.20 -3.96
C GLU B 39 4.23 -34.27 -4.52
N PHE B 40 4.69 -33.16 -5.11
CA PHE B 40 3.77 -32.21 -5.76
C PHE B 40 3.00 -32.88 -6.89
N LEU B 41 3.70 -33.61 -7.76
CA LEU B 41 3.02 -34.27 -8.86
C LEU B 41 2.01 -35.31 -8.38
N ALA B 42 2.27 -35.97 -7.25
CA ALA B 42 1.27 -36.89 -6.71
C ALA B 42 0.03 -36.14 -6.27
N LEU B 43 0.22 -34.98 -5.63
CA LEU B 43 -0.93 -34.14 -5.27
C LEU B 43 -1.76 -33.79 -6.51
N VAL B 44 -1.10 -33.29 -7.55
CA VAL B 44 -1.81 -32.92 -8.78
C VAL B 44 -2.50 -34.14 -9.39
N ASP B 45 -1.88 -35.31 -9.28
N ASP B 45 -1.88 -35.32 -9.29
CA ASP B 45 -2.53 -36.53 -9.76
CA ASP B 45 -2.54 -36.52 -9.78
C ASP B 45 -3.88 -36.72 -9.09
C ASP B 45 -3.89 -36.71 -9.09
N GLN B 46 -3.97 -36.39 -7.80
CA GLN B 46 -5.27 -36.44 -7.13
C GLN B 46 -6.24 -35.43 -7.74
N TRP B 47 -5.76 -34.21 -8.03
CA TRP B 47 -6.65 -33.23 -8.68
C TRP B 47 -7.14 -33.75 -10.04
N GLU B 48 -6.24 -34.36 -10.82
CA GLU B 48 -6.61 -34.90 -12.13
C GLU B 48 -7.67 -35.97 -11.98
N THR B 49 -7.54 -36.84 -10.96
CA THR B 49 -8.60 -37.82 -10.72
C THR B 49 -9.92 -37.13 -10.44
N THR B 50 -9.92 -36.11 -9.59
CA THR B 50 -11.16 -35.38 -9.33
C THR B 50 -11.74 -34.78 -10.61
N GLU B 51 -10.90 -34.22 -11.48
CA GLU B 51 -11.39 -33.63 -12.72
C GLU B 51 -11.96 -34.70 -13.64
N SER B 52 -11.27 -35.85 -13.77
CA SER B 52 -11.77 -36.89 -14.65
C SER B 52 -13.13 -37.40 -14.20
N GLU B 53 -13.37 -37.40 -12.90
CA GLU B 53 -14.67 -37.76 -12.33
C GLU B 53 -15.70 -36.62 -12.37
N LYS B 54 -15.37 -35.51 -13.05
CA LYS B 54 -16.28 -34.37 -13.16
C LYS B 54 -16.71 -33.79 -11.81
N GLN B 55 -15.83 -33.85 -10.80
CA GLN B 55 -16.12 -33.29 -9.49
C GLN B 55 -15.24 -32.08 -9.17
N GLY B 56 -14.68 -31.45 -10.19
CA GLY B 56 -13.85 -30.28 -10.01
C GLY B 56 -13.03 -30.07 -11.26
N SER B 57 -12.18 -29.04 -11.19
CA SER B 57 -11.29 -28.80 -12.32
C SER B 57 -10.11 -28.01 -11.76
N HIS B 58 -9.02 -27.98 -12.53
CA HIS B 58 -7.84 -27.22 -12.11
C HIS B 58 -7.02 -26.84 -13.34
N ALA B 59 -6.14 -25.86 -13.13
CA ALA B 59 -5.22 -25.37 -14.15
C ALA B 59 -3.97 -24.85 -13.45
N VAL B 60 -2.82 -25.01 -14.10
CA VAL B 60 -1.54 -24.56 -13.56
C VAL B 60 -0.82 -23.77 -14.64
N TYR B 61 -0.45 -22.52 -14.33
CA TYR B 61 0.18 -21.62 -15.28
C TYR B 61 1.35 -20.93 -14.61
N THR B 62 2.43 -20.70 -15.34
CA THR B 62 3.51 -19.84 -14.85
C THR B 62 3.21 -18.39 -15.26
N ILE B 63 3.46 -17.47 -14.35
CA ILE B 63 3.07 -16.07 -14.47
C ILE B 63 4.29 -15.24 -14.82
N VAL B 64 4.12 -14.33 -15.78
CA VAL B 64 5.20 -13.48 -16.25
C VAL B 64 5.29 -12.23 -15.37
N GLY B 65 6.52 -11.80 -15.09
CA GLY B 65 6.76 -10.64 -14.24
C GLY B 65 6.93 -11.03 -12.78
N GLN B 66 7.00 -10.01 -11.94
CA GLN B 66 7.31 -10.23 -10.53
C GLN B 66 6.09 -10.34 -9.62
N LYS B 67 4.89 -10.08 -10.12
CA LYS B 67 3.73 -10.16 -9.24
C LYS B 67 3.49 -11.59 -8.76
N ALA B 68 3.81 -12.59 -9.59
CA ALA B 68 3.70 -13.99 -9.23
C ALA B 68 4.54 -14.79 -10.21
N ASP B 69 4.84 -16.04 -9.83
CA ASP B 69 5.55 -16.95 -10.72
C ASP B 69 4.71 -18.15 -11.12
N ILE B 70 3.72 -18.53 -10.33
CA ILE B 70 2.91 -19.69 -10.65
C ILE B 70 1.51 -19.47 -10.10
N LEU B 71 0.52 -19.99 -10.84
CA LEU B 71 -0.89 -19.91 -10.52
C LEU B 71 -1.47 -21.32 -10.50
N PHE B 72 -2.14 -21.67 -9.39
CA PHE B 72 -2.99 -22.84 -9.31
C PHE B 72 -4.43 -22.34 -9.24
N MET B 73 -5.23 -22.66 -10.25
CA MET B 73 -6.64 -22.32 -10.28
C MET B 73 -7.43 -23.60 -10.08
N ILE B 74 -8.27 -23.63 -9.04
CA ILE B 74 -8.94 -24.84 -8.59
C ILE B 74 -10.42 -24.56 -8.43
N LEU B 75 -11.26 -25.43 -9.03
N LEU B 75 -11.27 -25.43 -9.01
CA LEU B 75 -12.72 -25.39 -8.88
CA LEU B 75 -12.72 -25.36 -8.86
C LEU B 75 -13.20 -26.64 -8.15
C LEU B 75 -13.22 -26.63 -8.17
N ARG B 76 -14.02 -26.45 -7.13
CA ARG B 76 -14.59 -27.55 -6.35
C ARG B 76 -16.04 -27.24 -5.97
N PRO B 77 -16.83 -28.28 -5.68
CA PRO B 77 -18.24 -28.04 -5.32
C PRO B 77 -18.44 -27.38 -3.97
N THR B 78 -17.47 -27.44 -3.06
CA THR B 78 -17.62 -26.81 -1.75
C THR B 78 -16.42 -25.95 -1.41
N LEU B 79 -16.66 -24.96 -0.55
CA LEU B 79 -15.59 -24.12 -0.04
C LEU B 79 -14.61 -24.96 0.79
N ASP B 80 -15.14 -25.91 1.56
CA ASP B 80 -14.28 -26.76 2.39
C ASP B 80 -13.25 -27.48 1.55
N GLU B 81 -13.64 -27.97 0.38
CA GLU B 81 -12.68 -28.69 -0.46
C GLU B 81 -11.56 -27.77 -0.92
N LEU B 82 -11.87 -26.52 -1.25
CA LEU B 82 -10.80 -25.58 -1.58
C LEU B 82 -9.86 -25.40 -0.41
N HIS B 83 -10.42 -25.28 0.79
CA HIS B 83 -9.56 -25.09 1.94
C HIS B 83 -8.69 -26.32 2.19
N GLU B 84 -9.25 -27.51 1.97
CA GLU B 84 -8.47 -28.72 2.18
C GLU B 84 -7.35 -28.82 1.16
N ILE B 85 -7.64 -28.44 -0.09
CA ILE B 85 -6.59 -28.48 -1.09
C ILE B 85 -5.47 -27.49 -0.77
N GLU B 86 -5.82 -26.26 -0.38
CA GLU B 86 -4.74 -25.32 -0.06
C GLU B 86 -3.93 -25.79 1.15
N THR B 87 -4.59 -26.37 2.16
CA THR B 87 -3.84 -26.85 3.32
C THR B 87 -2.91 -28.00 2.92
N ALA B 88 -3.40 -28.93 2.11
CA ALA B 88 -2.56 -30.04 1.66
C ALA B 88 -1.38 -29.53 0.85
N LEU B 89 -1.60 -28.52 0.00
CA LEU B 89 -0.53 -27.91 -0.76
C LEU B 89 0.50 -27.28 0.16
N ASN B 90 0.04 -26.53 1.16
CA ASN B 90 0.94 -25.86 2.06
C ASN B 90 1.74 -26.84 2.90
N LYS B 91 1.27 -28.07 3.08
CA LYS B 91 2.02 -29.07 3.82
C LYS B 91 3.02 -29.84 2.96
N THR B 92 3.07 -29.62 1.65
CA THR B 92 4.11 -30.23 0.83
C THR B 92 5.45 -29.54 1.05
N LYS B 93 6.52 -30.25 0.72
CA LYS B 93 7.84 -29.65 0.82
C LYS B 93 8.03 -28.53 -0.20
N LEU B 94 7.55 -28.74 -1.42
CA LEU B 94 7.71 -27.73 -2.46
C LEU B 94 7.07 -26.41 -2.04
N ALA B 95 5.95 -26.46 -1.31
CA ALA B 95 5.28 -25.22 -0.94
C ALA B 95 6.15 -24.33 -0.06
N ASP B 96 7.13 -24.90 0.65
CA ASP B 96 8.02 -24.05 1.44
C ASP B 96 8.78 -23.06 0.55
N TYR B 97 8.89 -23.35 -0.74
CA TYR B 97 9.56 -22.49 -1.71
C TYR B 97 8.57 -21.79 -2.61
N LEU B 98 7.28 -21.92 -2.33
CA LEU B 98 6.22 -21.23 -3.09
C LEU B 98 5.64 -20.16 -2.17
N LEU B 99 6.21 -18.95 -2.24
CA LEU B 99 5.84 -17.93 -1.28
C LEU B 99 4.50 -17.28 -1.68
N PRO B 100 3.67 -16.91 -0.71
CA PRO B 100 2.38 -16.28 -1.05
C PRO B 100 2.58 -15.01 -1.86
N ALA B 101 1.74 -14.81 -2.86
CA ALA B 101 1.85 -13.64 -3.73
C ALA B 101 0.51 -12.94 -3.84
N TYR B 102 -0.55 -13.71 -4.07
CA TYR B 102 -1.90 -13.18 -4.20
C TYR B 102 -2.83 -14.37 -4.23
N SER B 103 -4.10 -14.13 -3.88
CA SER B 103 -5.09 -15.20 -3.89
C SER B 103 -6.45 -14.60 -4.15
N TYR B 104 -7.39 -15.44 -4.59
CA TYR B 104 -8.74 -14.98 -4.88
C TYR B 104 -9.72 -16.13 -4.62
N VAL B 105 -10.83 -15.82 -3.93
CA VAL B 105 -11.86 -16.80 -3.58
C VAL B 105 -13.17 -16.31 -4.18
N SER B 106 -13.84 -17.17 -4.96
CA SER B 106 -15.03 -16.74 -5.70
C SER B 106 -15.88 -17.96 -6.04
N VAL B 107 -16.97 -17.75 -6.77
N VAL B 107 -16.98 -17.71 -6.76
CA VAL B 107 -17.84 -18.84 -7.18
CA VAL B 107 -17.93 -18.74 -7.19
C VAL B 107 -18.36 -18.56 -8.60
C VAL B 107 -18.27 -18.51 -8.66
N VAL B 108 -18.28 -19.59 -9.45
CA VAL B 108 -18.68 -19.43 -10.85
C VAL B 108 -20.10 -18.87 -10.88
N GLU B 109 -20.31 -17.84 -11.70
CA GLU B 109 -21.56 -17.07 -11.67
C GLU B 109 -22.08 -16.83 -13.08
N LEU B 110 -23.40 -17.00 -13.27
CA LEU B 110 -24.11 -16.57 -14.49
C LEU B 110 -25.24 -15.65 -14.06
N SER B 111 -25.56 -14.64 -14.85
CA SER B 111 -26.53 -13.66 -14.39
C SER B 111 -27.93 -13.94 -14.95
N ASN B 112 -28.89 -13.15 -14.48
CA ASN B 112 -30.26 -13.16 -14.98
C ASN B 112 -30.52 -12.03 -15.98
N TYR B 113 -29.47 -11.31 -16.40
CA TYR B 113 -29.61 -10.26 -17.40
C TYR B 113 -30.00 -10.91 -18.73
N SER B 118 -41.51 -21.47 -15.17
CA SER B 118 -40.58 -21.50 -16.29
C SER B 118 -39.56 -22.63 -16.11
N GLU B 119 -38.76 -22.86 -17.14
CA GLU B 119 -37.72 -23.86 -17.04
C GLU B 119 -36.76 -23.50 -15.93
N ASP B 120 -36.16 -24.52 -15.31
CA ASP B 120 -35.14 -24.32 -14.29
C ASP B 120 -33.77 -24.22 -14.96
N PRO B 121 -33.10 -23.06 -14.92
CA PRO B 121 -31.81 -22.93 -15.64
C PRO B 121 -30.77 -23.94 -15.18
N TYR B 122 -30.86 -24.39 -13.93
CA TYR B 122 -29.90 -25.36 -13.42
C TYR B 122 -30.01 -26.68 -14.15
N GLN B 123 -31.12 -26.91 -14.85
CA GLN B 123 -31.33 -28.12 -15.62
C GLN B 123 -31.00 -27.95 -17.09
N ILE B 124 -30.57 -26.77 -17.51
CA ILE B 124 -30.31 -26.52 -18.92
C ILE B 124 -28.89 -26.99 -19.24
N PRO B 125 -28.70 -27.77 -20.31
CA PRO B 125 -27.36 -28.33 -20.58
C PRO B 125 -26.26 -27.29 -20.69
N GLU B 126 -26.48 -26.20 -21.44
CA GLU B 126 -25.42 -25.23 -21.63
C GLU B 126 -25.10 -24.53 -20.31
N VAL B 127 -26.13 -24.26 -19.49
CA VAL B 127 -25.92 -23.66 -18.18
C VAL B 127 -25.03 -24.57 -17.34
N ARG B 128 -25.34 -25.86 -17.29
CA ARG B 128 -24.56 -26.77 -16.47
C ARG B 128 -23.11 -26.84 -16.95
N ARG B 129 -22.90 -26.74 -18.26
CA ARG B 129 -21.54 -26.77 -18.77
C ARG B 129 -20.75 -25.56 -18.29
N ARG B 130 -21.41 -24.42 -18.11
CA ARG B 130 -20.72 -23.22 -17.67
C ARG B 130 -20.58 -23.12 -16.16
N LEU B 131 -21.58 -23.61 -15.42
CA LEU B 131 -21.53 -23.56 -13.97
C LEU B 131 -20.47 -24.48 -13.38
N TYR B 132 -20.18 -25.60 -14.05
CA TYR B 132 -19.27 -26.62 -13.54
C TYR B 132 -18.24 -26.87 -14.63
N PRO B 133 -17.41 -25.88 -14.94
CA PRO B 133 -16.63 -25.94 -16.19
C PRO B 133 -15.36 -26.75 -16.05
N ILE B 134 -15.02 -27.48 -17.11
CA ILE B 134 -13.68 -28.05 -17.24
C ILE B 134 -12.82 -26.97 -17.85
N LEU B 135 -11.79 -26.54 -17.15
CA LEU B 135 -11.01 -25.41 -17.59
C LEU B 135 -10.25 -25.77 -18.87
N PRO B 136 -10.23 -24.88 -19.86
CA PRO B 136 -9.50 -25.21 -21.10
C PRO B 136 -8.00 -25.26 -20.89
N LYS B 137 -7.35 -26.06 -21.72
CA LYS B 137 -5.90 -26.24 -21.69
C LYS B 137 -5.22 -25.36 -22.73
N THR B 138 -5.50 -24.05 -22.68
CA THR B 138 -4.96 -23.11 -23.64
C THR B 138 -3.52 -22.74 -23.29
N ASN B 139 -2.81 -22.24 -24.31
CA ASN B 139 -1.43 -21.80 -24.11
C ASN B 139 -1.32 -20.75 -23.02
N TYR B 140 -2.31 -19.89 -22.90
CA TYR B 140 -2.19 -18.70 -22.04
C TYR B 140 -3.43 -18.50 -21.20
N ILE B 141 -3.21 -17.81 -20.07
CA ILE B 141 -4.27 -17.42 -19.14
C ILE B 141 -4.07 -15.95 -18.74
N CYS B 142 -5.19 -15.32 -18.37
CA CYS B 142 -5.20 -13.95 -17.86
C CYS B 142 -6.18 -13.90 -16.69
N PHE B 143 -5.79 -13.26 -15.58
CA PHE B 143 -6.71 -13.11 -14.46
C PHE B 143 -6.69 -11.68 -13.95
N TYR B 144 -7.87 -11.14 -13.68
CA TYR B 144 -7.95 -9.89 -12.92
C TYR B 144 -9.28 -9.80 -12.21
N PRO B 145 -9.34 -9.09 -11.08
CA PRO B 145 -10.64 -8.86 -10.44
C PRO B 145 -11.22 -7.50 -10.84
N MET B 146 -12.51 -7.29 -10.60
CA MET B 146 -13.11 -5.99 -10.89
C MET B 146 -14.32 -5.73 -10.01
N ASP B 147 -14.63 -4.44 -9.87
CA ASP B 147 -15.87 -3.94 -9.29
C ASP B 147 -16.62 -3.17 -10.36
N LYS B 148 -17.91 -2.95 -10.09
CA LYS B 148 -18.66 -1.96 -10.85
C LYS B 148 -18.88 -0.72 -9.99
N ARG B 149 -18.58 0.44 -10.58
CA ARG B 149 -18.51 1.73 -9.90
C ARG B 149 -19.82 2.12 -9.23
N ARG B 150 -19.69 2.75 -8.03
CA ARG B 150 -20.80 3.38 -7.31
C ARG B 150 -20.41 4.83 -6.95
N GLN B 151 -20.28 5.71 -7.96
CA GLN B 151 -19.74 7.05 -7.75
C GLN B 151 -20.60 8.06 -8.49
N GLY B 152 -21.11 9.04 -7.76
CA GLY B 152 -21.88 10.11 -8.39
C GLY B 152 -22.99 9.56 -9.28
N ASN B 153 -23.05 10.06 -10.51
CA ASN B 153 -24.04 9.61 -11.48
C ASN B 153 -23.61 8.34 -12.20
N ASP B 154 -22.41 7.84 -11.92
CA ASP B 154 -21.97 6.55 -12.46
C ASP B 154 -22.10 5.52 -11.35
N ASN B 155 -23.33 5.22 -10.99
CA ASN B 155 -23.60 4.24 -9.94
C ASN B 155 -24.37 3.07 -10.53
N TRP B 156 -23.65 1.98 -10.75
CA TRP B 156 -24.21 0.80 -11.41
C TRP B 156 -25.39 0.24 -10.64
N TYR B 157 -25.27 0.21 -9.31
CA TYR B 157 -26.26 -0.44 -8.48
C TYR B 157 -27.52 0.39 -8.30
N MET B 158 -27.49 1.68 -8.64
CA MET B 158 -28.70 2.51 -8.67
C MET B 158 -29.44 2.47 -10.00
N LEU B 159 -28.82 1.97 -11.08
CA LEU B 159 -29.51 1.88 -12.35
C LEU B 159 -30.67 0.89 -12.26
N SER B 160 -31.70 1.11 -13.07
CA SER B 160 -32.74 0.11 -13.13
C SER B 160 -32.24 -1.18 -13.78
N MET B 161 -32.97 -2.27 -13.52
CA MET B 161 -32.67 -3.54 -14.16
C MET B 161 -32.65 -3.40 -15.68
N GLU B 162 -33.62 -2.69 -16.24
CA GLU B 162 -33.66 -2.46 -17.69
C GLU B 162 -32.43 -1.72 -18.18
N GLN B 163 -31.99 -0.68 -17.46
CA GLN B 163 -30.80 0.04 -17.90
C GLN B 163 -29.59 -0.88 -17.91
N ARG B 164 -29.46 -1.70 -16.85
CA ARG B 164 -28.34 -2.64 -16.77
C ARG B 164 -28.38 -3.69 -17.88
N ARG B 165 -29.58 -4.17 -18.21
CA ARG B 165 -29.71 -5.12 -19.31
C ARG B 165 -29.30 -4.51 -20.65
N GLU B 166 -29.69 -3.25 -20.93
CA GLU B 166 -29.27 -2.60 -22.17
C GLU B 166 -27.74 -2.52 -22.26
N LEU B 167 -27.11 -2.07 -21.16
CA LEU B 167 -25.65 -1.96 -21.15
C LEU B 167 -24.97 -3.31 -21.36
N MET B 168 -25.52 -4.38 -20.74
CA MET B 168 -24.91 -5.70 -20.86
C MET B 168 -25.13 -6.30 -22.25
N ARG B 169 -26.22 -5.94 -22.92
CA ARG B 169 -26.39 -6.40 -24.30
C ARG B 169 -25.27 -5.86 -25.18
N ALA B 170 -24.87 -4.61 -24.99
CA ALA B 170 -23.75 -4.11 -25.81
C ALA B 170 -22.45 -4.86 -25.51
N HIS B 171 -22.19 -5.07 -24.21
CA HIS B 171 -21.04 -5.89 -23.79
C HIS B 171 -21.02 -7.27 -24.47
N GLY B 172 -22.15 -7.96 -24.43
CA GLY B 172 -22.21 -9.30 -25.03
C GLY B 172 -21.96 -9.26 -26.53
N MET B 173 -22.50 -8.24 -27.21
CA MET B 173 -22.19 -8.07 -28.64
C MET B 173 -20.70 -7.96 -28.88
N THR B 174 -19.99 -7.15 -28.08
CA THR B 174 -18.54 -7.05 -28.26
C THR B 174 -17.84 -8.37 -27.96
N GLY B 175 -18.24 -9.06 -26.88
CA GLY B 175 -17.62 -10.32 -26.54
C GLY B 175 -17.80 -11.39 -27.61
N ARG B 176 -18.98 -11.41 -28.25
CA ARG B 176 -19.22 -12.46 -29.24
C ARG B 176 -18.28 -12.33 -30.44
N LYS B 177 -17.71 -11.15 -30.70
CA LYS B 177 -16.70 -11.02 -31.75
C LYS B 177 -15.46 -11.85 -31.48
N TYR B 178 -15.22 -12.25 -30.24
CA TYR B 178 -14.03 -13.00 -29.87
C TYR B 178 -14.33 -14.48 -29.68
N ALA B 179 -15.49 -14.93 -30.17
CA ALA B 179 -15.83 -16.35 -30.13
C ALA B 179 -14.78 -17.16 -30.88
N GLY B 180 -14.38 -18.26 -30.28
CA GLY B 180 -13.36 -19.10 -30.83
C GLY B 180 -11.95 -18.60 -30.63
N LYS B 181 -11.78 -17.39 -30.09
CA LYS B 181 -10.46 -16.85 -29.80
C LYS B 181 -10.13 -16.80 -28.32
N VAL B 182 -11.12 -16.46 -27.48
CA VAL B 182 -10.95 -16.30 -26.04
C VAL B 182 -12.17 -16.88 -25.35
N THR B 183 -11.95 -17.67 -24.29
CA THR B 183 -13.02 -18.12 -23.42
C THR B 183 -12.90 -17.43 -22.06
N GLN B 184 -14.00 -16.90 -21.56
CA GLN B 184 -14.01 -16.24 -20.25
C GLN B 184 -14.71 -17.13 -19.24
N ILE B 185 -14.20 -17.13 -18.02
CA ILE B 185 -14.88 -17.70 -16.88
C ILE B 185 -15.00 -16.57 -15.88
N ILE B 186 -16.24 -16.11 -15.65
CA ILE B 186 -16.55 -15.06 -14.70
C ILE B 186 -16.96 -15.71 -13.40
N THR B 187 -16.31 -15.31 -12.30
CA THR B 187 -16.72 -15.73 -10.98
C THR B 187 -17.19 -14.53 -10.19
N GLY B 188 -18.13 -14.75 -9.28
CA GLY B 188 -18.64 -13.69 -8.40
C GLY B 188 -18.01 -13.82 -7.03
N SER B 189 -17.66 -12.68 -6.45
CA SER B 189 -16.96 -12.68 -5.17
C SER B 189 -17.51 -11.68 -4.17
N VAL B 190 -18.65 -11.04 -4.45
CA VAL B 190 -19.28 -10.21 -3.43
C VAL B 190 -19.55 -11.07 -2.21
N GLY B 191 -19.12 -10.60 -1.04
CA GLY B 191 -19.24 -11.38 0.18
C GLY B 191 -18.18 -12.44 0.39
N LEU B 192 -17.25 -12.63 -0.55
CA LEU B 192 -16.23 -13.68 -0.47
C LEU B 192 -14.81 -13.18 -0.59
N ASP B 193 -14.57 -12.09 -1.33
CA ASP B 193 -13.24 -11.54 -1.47
C ASP B 193 -13.38 -10.04 -1.72
N ASP B 194 -12.27 -9.39 -2.08
CA ASP B 194 -12.16 -7.94 -1.95
C ASP B 194 -12.78 -7.17 -3.11
N PHE B 195 -12.93 -7.78 -4.28
CA PHE B 195 -13.63 -7.18 -5.41
C PHE B 195 -14.96 -7.90 -5.63
N GLU B 196 -15.69 -7.50 -6.67
CA GLU B 196 -17.03 -8.03 -6.90
C GLU B 196 -17.05 -9.21 -7.86
N TRP B 197 -16.13 -9.27 -8.83
CA TRP B 197 -16.00 -10.40 -9.73
C TRP B 197 -14.53 -10.74 -9.96
N GLY B 198 -14.28 -12.01 -10.26
CA GLY B 198 -13.03 -12.44 -10.87
C GLY B 198 -13.25 -12.70 -12.35
N VAL B 199 -12.31 -12.28 -13.18
CA VAL B 199 -12.34 -12.50 -14.62
C VAL B 199 -11.13 -13.34 -14.99
N THR B 200 -11.38 -14.55 -15.51
CA THR B 200 -10.32 -15.40 -16.02
C THR B 200 -10.54 -15.63 -17.50
N LEU B 201 -9.52 -15.32 -18.29
CA LEU B 201 -9.56 -15.49 -19.73
C LEU B 201 -8.55 -16.55 -20.15
N PHE B 202 -8.97 -17.39 -21.11
CA PHE B 202 -8.15 -18.45 -21.66
C PHE B 202 -8.02 -18.24 -23.17
N SER B 203 -6.80 -18.31 -23.67
CA SER B 203 -6.61 -18.16 -25.11
C SER B 203 -5.32 -18.83 -25.53
N ASP B 204 -5.28 -19.29 -26.79
CA ASP B 204 -4.04 -19.74 -27.39
C ASP B 204 -3.20 -18.59 -27.95
N ASP B 205 -3.70 -17.37 -27.89
CA ASP B 205 -2.98 -16.19 -28.39
C ASP B 205 -3.10 -15.10 -27.33
N ALA B 206 -2.01 -14.83 -26.63
CA ALA B 206 -2.06 -13.86 -25.52
C ALA B 206 -2.49 -12.48 -26.00
N LEU B 207 -2.22 -12.12 -27.25
CA LEU B 207 -2.61 -10.80 -27.75
C LEU B 207 -4.11 -10.61 -27.69
N GLN B 208 -4.88 -11.70 -27.79
CA GLN B 208 -6.33 -11.57 -27.75
C GLN B 208 -6.81 -11.04 -26.41
N PHE B 209 -6.08 -11.32 -25.32
CA PHE B 209 -6.42 -10.70 -24.03
C PHE B 209 -6.41 -9.19 -24.17
N LYS B 210 -5.34 -8.64 -24.74
CA LYS B 210 -5.26 -7.21 -24.92
C LYS B 210 -6.33 -6.74 -25.88
N LYS B 211 -6.55 -7.47 -26.98
CA LYS B 211 -7.53 -7.00 -27.97
C LYS B 211 -8.92 -6.94 -27.36
N LEU B 212 -9.32 -7.99 -26.66
CA LEU B 212 -10.68 -8.07 -26.12
C LEU B 212 -10.90 -7.01 -25.02
N VAL B 213 -10.02 -6.99 -24.02
CA VAL B 213 -10.24 -6.11 -22.86
C VAL B 213 -10.22 -4.65 -23.30
N TYR B 214 -9.30 -4.30 -24.21
CA TYR B 214 -9.23 -2.94 -24.72
C TYR B 214 -10.48 -2.59 -25.50
N GLU B 215 -10.94 -3.51 -26.39
CA GLU B 215 -12.13 -3.17 -27.15
C GLU B 215 -13.31 -3.01 -26.21
N MET B 216 -13.38 -3.90 -25.19
CA MET B 216 -14.51 -3.80 -24.27
C MET B 216 -14.47 -2.52 -23.48
N ARG B 217 -13.28 -1.93 -23.32
CA ARG B 217 -13.20 -0.70 -22.55
C ARG B 217 -13.94 0.44 -23.24
N PHE B 218 -14.25 0.32 -24.55
CA PHE B 218 -15.07 1.33 -25.22
C PHE B 218 -16.57 1.04 -25.16
N ASP B 219 -16.99 -0.12 -24.66
CA ASP B 219 -18.39 -0.31 -24.32
C ASP B 219 -18.73 0.51 -23.08
N GLU B 220 -19.91 1.11 -23.05
CA GLU B 220 -20.23 2.01 -21.94
C GLU B 220 -20.16 1.32 -20.58
N VAL B 221 -20.58 0.06 -20.48
CA VAL B 221 -20.55 -0.60 -19.17
C VAL B 221 -19.12 -0.65 -18.60
N SER B 222 -18.12 -0.98 -19.43
CA SER B 222 -16.74 -1.00 -18.97
C SER B 222 -16.17 0.40 -18.83
N ALA B 223 -16.40 1.27 -19.83
CA ALA B 223 -15.85 2.63 -19.79
C ALA B 223 -16.32 3.37 -18.54
N ARG B 224 -17.61 3.30 -18.26
CA ARG B 224 -18.24 4.12 -17.23
C ARG B 224 -18.25 3.46 -15.85
N PHE B 225 -18.28 2.13 -15.77
CA PHE B 225 -18.44 1.47 -14.47
C PHE B 225 -17.29 0.54 -14.08
N GLY B 226 -16.37 0.23 -14.98
CA GLY B 226 -15.33 -0.74 -14.66
C GLY B 226 -14.31 -0.20 -13.68
N GLU B 227 -14.03 -0.96 -12.63
CA GLU B 227 -12.94 -0.66 -11.72
C GLU B 227 -12.11 -1.93 -11.60
N PHE B 228 -10.86 -1.87 -11.99
CA PHE B 228 -10.03 -3.07 -12.19
C PHE B 228 -8.92 -3.16 -11.16
N GLY B 229 -8.64 -4.40 -10.75
CA GLY B 229 -7.48 -4.71 -9.94
C GLY B 229 -6.26 -5.01 -10.77
N SER B 230 -5.38 -5.84 -10.24
CA SER B 230 -4.16 -6.22 -10.93
C SER B 230 -4.43 -7.30 -11.97
N PHE B 231 -3.63 -7.27 -13.03
CA PHE B 231 -3.73 -8.21 -14.15
C PHE B 231 -2.56 -9.18 -14.11
N PHE B 232 -2.86 -10.46 -14.20
CA PHE B 232 -1.86 -11.52 -14.18
C PHE B 232 -1.96 -12.31 -15.49
N VAL B 233 -0.85 -12.46 -16.20
N VAL B 233 -0.85 -12.46 -16.20
CA VAL B 233 -0.84 -13.21 -17.46
CA VAL B 233 -0.84 -13.23 -17.44
C VAL B 233 0.22 -14.30 -17.39
C VAL B 233 0.19 -14.34 -17.32
N GLY B 234 -0.12 -15.49 -17.91
CA GLY B 234 0.75 -16.64 -17.77
C GLY B 234 0.68 -17.62 -18.94
N THR B 235 1.63 -18.55 -18.91
CA THR B 235 1.80 -19.60 -19.90
C THR B 235 1.54 -20.94 -19.24
N ARG B 236 0.91 -21.86 -19.98
N ARG B 236 0.91 -21.86 -19.98
CA ARG B 236 0.50 -23.13 -19.39
CA ARG B 236 0.52 -23.13 -19.40
C ARG B 236 1.73 -23.93 -18.97
C ARG B 236 1.74 -23.93 -18.98
N LEU B 237 1.64 -24.57 -17.81
CA LEU B 237 2.72 -25.40 -17.28
C LEU B 237 2.24 -26.84 -17.35
N PRO B 238 2.53 -27.57 -18.42
CA PRO B 238 2.18 -29.00 -18.45
C PRO B 238 2.92 -29.72 -17.34
N MET B 239 2.25 -30.69 -16.73
CA MET B 239 2.87 -31.39 -15.62
C MET B 239 4.17 -32.10 -16.03
N GLU B 240 4.24 -32.56 -17.27
CA GLU B 240 5.46 -33.21 -17.78
C GLU B 240 6.63 -32.24 -17.89
N ASN B 241 6.38 -30.93 -17.77
CA ASN B 241 7.45 -29.94 -17.78
C ASN B 241 7.84 -29.45 -16.39
N VAL B 242 7.13 -29.87 -15.33
CA VAL B 242 7.41 -29.35 -13.99
C VAL B 242 8.85 -29.64 -13.58
N SER B 243 9.27 -30.90 -13.72
CA SER B 243 10.64 -31.25 -13.36
C SER B 243 11.62 -30.33 -14.06
N SER B 244 11.38 -30.08 -15.36
CA SER B 244 12.28 -29.23 -16.12
C SER B 244 12.24 -27.80 -15.60
N PHE B 245 11.05 -27.31 -15.27
CA PHE B 245 10.92 -25.92 -14.83
C PHE B 245 11.65 -25.69 -13.51
N PHE B 246 11.57 -26.64 -12.60
CA PHE B 246 12.20 -26.48 -11.30
C PHE B 246 13.64 -27.00 -11.28
N HIS B 247 14.18 -27.37 -12.43
CA HIS B 247 15.55 -27.89 -12.45
C HIS B 247 16.55 -26.77 -12.17
N VAL B 248 17.44 -27.03 -11.22
CA VAL B 248 18.57 -26.15 -10.98
C VAL B 248 19.83 -27.01 -10.82
N SER C 2 -18.88 4.90 -28.15
CA SER C 2 -18.07 5.41 -29.25
C SER C 2 -17.24 4.29 -29.90
N GLU C 3 -16.68 4.59 -31.07
CA GLU C 3 -15.96 3.60 -31.86
C GLU C 3 -14.64 3.24 -31.20
N ALA C 4 -14.39 1.94 -31.02
CA ALA C 4 -13.18 1.51 -30.35
C ALA C 4 -11.93 1.83 -31.15
N ALA C 5 -10.87 2.23 -30.44
CA ALA C 5 -9.58 2.42 -31.09
C ALA C 5 -9.01 1.09 -31.55
N GLN C 6 -8.25 1.14 -32.64
CA GLN C 6 -7.55 -0.01 -33.19
C GLN C 6 -6.06 0.22 -33.08
N THR C 7 -5.33 -0.87 -32.89
CA THR C 7 -3.91 -0.77 -32.62
C THR C 7 -3.16 -1.76 -33.49
N LEU C 8 -1.93 -1.41 -33.78
CA LEU C 8 -0.96 -2.34 -34.33
C LEU C 8 -0.06 -2.86 -33.21
N ASP C 9 0.21 -4.16 -33.22
CA ASP C 9 0.91 -4.78 -32.09
C ASP C 9 2.17 -5.48 -32.56
N GLY C 10 3.25 -5.23 -31.82
CA GLY C 10 4.55 -5.79 -32.10
C GLY C 10 5.06 -6.74 -31.05
N TRP C 11 6.34 -6.59 -30.72
CA TRP C 11 7.00 -7.49 -29.79
C TRP C 11 6.45 -7.30 -28.38
N TYR C 12 6.43 -8.40 -27.64
CA TYR C 12 6.19 -8.37 -26.20
C TYR C 12 7.38 -7.76 -25.47
N CYS C 13 7.09 -7.09 -24.35
CA CYS C 13 8.06 -6.32 -23.61
C CYS C 13 7.98 -6.66 -22.11
N LEU C 14 9.13 -6.92 -21.50
CA LEU C 14 9.27 -7.06 -20.05
C LEU C 14 10.17 -5.94 -19.56
N HIS C 15 9.69 -5.18 -18.58
CA HIS C 15 10.51 -4.30 -17.78
C HIS C 15 10.72 -5.00 -16.47
N ASP C 16 11.95 -5.37 -16.18
CA ASP C 16 12.28 -6.10 -14.95
C ASP C 16 13.21 -5.24 -14.13
N PHE C 17 12.72 -4.75 -12.99
CA PHE C 17 13.47 -3.87 -12.09
C PHE C 17 13.89 -4.65 -10.83
N ARG C 18 15.14 -4.47 -10.41
CA ARG C 18 15.67 -5.15 -9.24
C ARG C 18 16.39 -4.17 -8.33
N THR C 19 16.40 -4.51 -7.04
N THR C 19 16.40 -4.51 -7.04
CA THR C 19 17.26 -3.87 -6.05
CA THR C 19 17.26 -3.87 -6.05
C THR C 19 18.43 -4.81 -5.77
C THR C 19 18.43 -4.81 -5.76
N ILE C 20 19.62 -4.23 -5.57
CA ILE C 20 20.84 -5.01 -5.31
C ILE C 20 21.02 -5.19 -3.82
N ASP C 21 21.21 -6.45 -3.40
CA ASP C 21 21.42 -6.77 -2.00
C ASP C 21 22.92 -6.65 -1.72
N TRP C 22 23.38 -5.40 -1.58
CA TRP C 22 24.82 -5.17 -1.46
C TRP C 22 25.40 -5.86 -0.24
N SER C 23 24.69 -5.80 0.90
CA SER C 23 25.25 -6.36 2.13
C SER C 23 25.46 -7.86 1.99
N ALA C 24 24.53 -8.58 1.35
CA ALA C 24 24.71 -10.00 1.13
C ALA C 24 25.81 -10.26 0.10
N TRP C 25 25.83 -9.47 -0.97
CA TRP C 25 26.83 -9.63 -2.02
C TRP C 25 28.24 -9.53 -1.44
N LYS C 26 28.43 -8.63 -0.48
CA LYS C 26 29.75 -8.39 0.11
C LYS C 26 30.27 -9.63 0.84
N THR C 27 29.38 -10.49 1.35
CA THR C 27 29.79 -11.68 2.10
C THR C 27 30.09 -12.86 1.19
N LEU C 28 29.76 -12.77 -0.08
CA LEU C 28 30.04 -13.86 -1.00
C LEU C 28 31.53 -13.86 -1.34
N PRO C 29 32.23 -14.99 -1.26
CA PRO C 29 33.66 -14.99 -1.58
C PRO C 29 33.95 -14.45 -2.97
N ASN C 30 35.11 -13.79 -3.09
CA ASN C 30 35.50 -13.10 -4.32
C ASN C 30 35.37 -14.00 -5.54
N GLU C 31 35.91 -15.22 -5.50
CA GLU C 31 35.87 -16.02 -6.73
C GLU C 31 34.44 -16.41 -7.09
N GLU C 32 33.55 -16.52 -6.09
CA GLU C 32 32.15 -16.80 -6.40
C GLU C 32 31.47 -15.58 -7.01
N ARG C 33 31.86 -14.36 -6.60
CA ARG C 33 31.34 -13.15 -7.23
C ARG C 33 31.80 -13.06 -8.67
N GLU C 34 33.08 -13.37 -8.92
CA GLU C 34 33.59 -13.34 -10.29
C GLU C 34 32.86 -14.35 -11.15
N ALA C 35 32.59 -15.54 -10.60
CA ALA C 35 31.88 -16.55 -11.37
C ALA C 35 30.45 -16.10 -11.64
N ALA C 36 29.82 -15.48 -10.66
CA ALA C 36 28.45 -15.00 -10.84
C ALA C 36 28.39 -13.93 -11.94
N ILE C 37 29.35 -13.01 -11.96
CA ILE C 37 29.37 -11.99 -13.00
C ILE C 37 29.59 -12.63 -14.36
N SER C 38 30.51 -13.60 -14.47
CA SER C 38 30.74 -14.25 -15.76
C SER C 38 29.50 -15.00 -16.23
N GLU C 39 28.77 -15.61 -15.28
CA GLU C 39 27.56 -16.34 -15.64
C GLU C 39 26.50 -15.39 -16.19
N PHE C 40 26.33 -14.25 -15.52
CA PHE C 40 25.40 -13.23 -15.98
C PHE C 40 25.78 -12.72 -17.37
N LEU C 41 27.06 -12.42 -17.58
CA LEU C 41 27.50 -11.91 -18.88
C LEU C 41 27.31 -12.95 -19.98
N ALA C 42 27.43 -14.24 -19.67
CA ALA C 42 27.16 -15.25 -20.70
C ALA C 42 25.68 -15.25 -21.08
N LEU C 43 24.80 -15.11 -20.09
CA LEU C 43 23.37 -14.96 -20.39
C LEU C 43 23.13 -13.74 -21.31
N VAL C 44 23.68 -12.58 -20.94
CA VAL C 44 23.48 -11.39 -21.77
C VAL C 44 24.05 -11.62 -23.17
N ASP C 45 25.15 -12.37 -23.27
N ASP C 45 25.17 -12.35 -23.26
CA ASP C 45 25.69 -12.67 -24.59
CA ASP C 45 25.71 -12.69 -24.58
C ASP C 45 24.66 -13.39 -25.44
C ASP C 45 24.65 -13.37 -25.44
N GLN C 46 23.89 -14.29 -24.84
CA GLN C 46 22.79 -14.91 -25.59
C GLN C 46 21.75 -13.87 -26.01
N TRP C 47 21.42 -12.94 -25.12
CA TRP C 47 20.47 -11.88 -25.52
C TRP C 47 21.02 -11.07 -26.70
N GLU C 48 22.32 -10.73 -26.67
CA GLU C 48 22.92 -9.97 -27.76
C GLU C 48 22.88 -10.75 -29.06
N THR C 49 23.11 -12.06 -29.01
CA THR C 49 22.95 -12.86 -30.22
C THR C 49 21.52 -12.74 -30.76
N THR C 50 20.52 -12.88 -29.88
CA THR C 50 19.15 -12.73 -30.33
C THR C 50 18.92 -11.37 -30.97
N GLU C 51 19.45 -10.30 -30.38
CA GLU C 51 19.25 -8.98 -30.96
C GLU C 51 19.95 -8.88 -32.33
N SER C 52 21.18 -9.37 -32.43
CA SER C 52 21.90 -9.26 -33.70
C SER C 52 21.17 -9.99 -34.82
N GLU C 53 20.46 -11.07 -34.50
CA GLU C 53 19.63 -11.77 -35.47
C GLU C 53 18.25 -11.10 -35.70
N LYS C 54 18.01 -9.93 -35.10
CA LYS C 54 16.73 -9.22 -35.25
C LYS C 54 15.54 -10.04 -34.76
N GLN C 55 15.74 -10.87 -33.73
CA GLN C 55 14.64 -11.63 -33.15
C GLN C 55 14.31 -11.16 -31.72
N GLY C 56 14.72 -9.95 -31.37
CA GLY C 56 14.46 -9.41 -30.06
C GLY C 56 15.39 -8.23 -29.82
N SER C 57 15.25 -7.66 -28.64
CA SER C 57 16.14 -6.57 -28.26
C SER C 57 16.17 -6.50 -26.74
N HIS C 58 17.17 -5.80 -26.22
CA HIS C 58 17.27 -5.63 -24.77
C HIS C 58 18.06 -4.38 -24.44
N ALA C 59 17.93 -3.95 -23.19
CA ALA C 59 18.66 -2.81 -22.65
C ALA C 59 18.83 -3.01 -21.16
N VAL C 60 19.96 -2.53 -20.63
CA VAL C 60 20.28 -2.68 -19.22
C VAL C 60 20.69 -1.31 -18.68
N TYR C 61 20.00 -0.85 -17.63
CA TYR C 61 20.27 0.47 -17.05
C TYR C 61 20.31 0.37 -15.54
N THR C 62 21.17 1.17 -14.90
CA THR C 62 21.13 1.30 -13.46
C THR C 62 20.19 2.46 -13.10
N ILE C 63 19.40 2.25 -12.06
CA ILE C 63 18.32 3.17 -11.70
C ILE C 63 18.74 4.00 -10.50
N VAL C 64 18.46 5.28 -10.58
CA VAL C 64 18.81 6.23 -9.53
C VAL C 64 17.74 6.22 -8.45
N GLY C 65 18.18 6.33 -7.20
CA GLY C 65 17.27 6.30 -6.08
C GLY C 65 17.05 4.89 -5.56
N GLN C 66 16.11 4.78 -4.61
CA GLN C 66 15.87 3.51 -3.93
C GLN C 66 14.74 2.67 -4.53
N LYS C 67 13.95 3.20 -5.46
CA LYS C 67 12.87 2.38 -6.00
C LYS C 67 13.39 1.16 -6.72
N ALA C 68 14.58 1.28 -7.32
CA ALA C 68 15.23 0.16 -7.98
C ALA C 68 16.68 0.51 -8.20
N ASP C 69 17.48 -0.52 -8.50
CA ASP C 69 18.88 -0.31 -8.78
C ASP C 69 19.29 -0.71 -10.17
N ILE C 70 18.58 -1.65 -10.80
CA ILE C 70 18.92 -2.10 -12.15
C ILE C 70 17.63 -2.47 -12.87
N LEU C 71 17.60 -2.21 -14.18
CA LEU C 71 16.49 -2.47 -15.08
C LEU C 71 16.98 -3.31 -16.25
N PHE C 72 16.33 -4.44 -16.48
CA PHE C 72 16.46 -5.23 -17.70
C PHE C 72 15.18 -5.05 -18.51
N MET C 73 15.29 -4.43 -19.68
CA MET C 73 14.17 -4.26 -20.59
C MET C 73 14.38 -5.21 -21.76
N ILE C 74 13.43 -6.11 -21.98
CA ILE C 74 13.57 -7.23 -22.90
C ILE C 74 12.37 -7.24 -23.85
N LEU C 75 12.65 -7.28 -25.16
N LEU C 75 12.65 -7.29 -25.15
CA LEU C 75 11.63 -7.43 -26.18
CA LEU C 75 11.61 -7.42 -26.17
C LEU C 75 11.81 -8.75 -26.91
C LEU C 75 11.80 -8.73 -26.94
N ARG C 76 10.73 -9.50 -27.06
CA ARG C 76 10.74 -10.79 -27.74
C ARG C 76 9.44 -11.01 -28.50
N PRO C 77 9.45 -11.90 -29.51
CA PRO C 77 8.25 -12.13 -30.32
C PRO C 77 7.13 -12.87 -29.58
N THR C 78 7.42 -13.60 -28.51
CA THR C 78 6.39 -14.33 -27.80
C THR C 78 6.48 -14.06 -26.30
N LEU C 79 5.33 -14.20 -25.64
CA LEU C 79 5.28 -14.12 -24.18
C LEU C 79 6.09 -15.25 -23.53
N ASP C 80 6.06 -16.43 -24.15
CA ASP C 80 6.82 -17.57 -23.64
C ASP C 80 8.30 -17.25 -23.52
N GLU C 81 8.86 -16.56 -24.52
CA GLU C 81 10.28 -16.20 -24.45
C GLU C 81 10.56 -15.26 -23.27
N LEU C 82 9.64 -14.34 -22.98
CA LEU C 82 9.84 -13.50 -21.80
C LEU C 82 9.85 -14.34 -20.54
N HIS C 83 8.94 -15.31 -20.45
CA HIS C 83 8.91 -16.17 -19.29
C HIS C 83 10.22 -16.96 -19.19
N GLU C 84 10.72 -17.44 -20.32
CA GLU C 84 11.94 -18.26 -20.27
C GLU C 84 13.15 -17.42 -19.88
N ILE C 85 13.24 -16.19 -20.39
CA ILE C 85 14.36 -15.33 -20.05
C ILE C 85 14.32 -14.96 -18.56
N GLU C 86 13.14 -14.63 -18.06
CA GLU C 86 12.99 -14.33 -16.63
C GLU C 86 13.39 -15.52 -15.78
N THR C 87 12.96 -16.71 -16.17
CA THR C 87 13.27 -17.91 -15.40
C THR C 87 14.77 -18.18 -15.40
N ALA C 88 15.41 -18.04 -16.58
CA ALA C 88 16.85 -18.27 -16.69
C ALA C 88 17.65 -17.27 -15.86
N LEU C 89 17.24 -16.00 -15.89
CA LEU C 89 17.89 -14.98 -15.08
C LEU C 89 17.77 -15.30 -13.59
N ASN C 90 16.57 -15.70 -13.15
CA ASN C 90 16.38 -15.94 -11.73
C ASN C 90 17.16 -17.16 -11.25
N LYS C 91 17.53 -18.05 -12.15
CA LYS C 91 18.32 -19.22 -11.77
C LYS C 91 19.83 -18.93 -11.74
N THR C 92 20.27 -17.75 -12.16
CA THR C 92 21.68 -17.42 -12.00
C THR C 92 21.99 -17.13 -10.54
N LYS C 93 23.28 -17.21 -10.20
CA LYS C 93 23.72 -16.88 -8.85
C LYS C 93 23.56 -15.40 -8.57
N LEU C 94 23.86 -14.55 -9.55
CA LEU C 94 23.75 -13.12 -9.34
C LEU C 94 22.33 -12.76 -8.96
N ALA C 95 21.35 -13.45 -9.54
CA ALA C 95 19.94 -13.10 -9.31
C ALA C 95 19.56 -13.28 -7.86
N ASP C 96 20.29 -14.14 -7.12
CA ASP C 96 20.03 -14.25 -5.69
C ASP C 96 20.25 -12.92 -4.97
N TYR C 97 21.03 -12.01 -5.56
CA TYR C 97 21.30 -10.69 -4.99
C TYR C 97 20.55 -9.58 -5.74
N LEU C 98 19.67 -9.95 -6.65
CA LEU C 98 18.84 -8.98 -7.40
C LEU C 98 17.40 -9.17 -6.93
N LEU C 99 17.00 -8.41 -5.88
CA LEU C 99 15.70 -8.58 -5.24
C LEU C 99 14.60 -7.90 -6.07
N PRO C 100 13.40 -8.47 -6.09
CA PRO C 100 12.31 -7.86 -6.87
C PRO C 100 12.01 -6.45 -6.41
N ALA C 101 11.74 -5.56 -7.36
CA ALA C 101 11.44 -4.18 -7.06
C ALA C 101 10.16 -3.75 -7.77
N TYR C 102 10.06 -4.04 -9.06
CA TYR C 102 8.91 -3.67 -9.87
C TYR C 102 9.06 -4.39 -11.19
N SER C 103 7.94 -4.60 -11.88
CA SER C 103 7.98 -5.25 -13.19
C SER C 103 6.81 -4.76 -14.01
N TYR C 104 6.93 -4.93 -15.32
CA TYR C 104 5.87 -4.50 -16.22
C TYR C 104 5.87 -5.41 -17.45
N VAL C 105 4.68 -5.86 -17.86
CA VAL C 105 4.50 -6.74 -19.02
C VAL C 105 3.59 -6.03 -20.01
N SER C 106 4.04 -5.91 -21.27
CA SER C 106 3.29 -5.13 -22.24
C SER C 106 3.65 -5.57 -23.67
N VAL C 107 3.07 -4.88 -24.66
N VAL C 107 3.08 -4.88 -24.65
CA VAL C 107 3.30 -5.18 -26.09
CA VAL C 107 3.38 -5.18 -26.06
C VAL C 107 3.52 -3.86 -26.83
C VAL C 107 3.52 -3.87 -26.82
N VAL C 108 4.56 -3.79 -27.66
CA VAL C 108 4.81 -2.59 -28.44
C VAL C 108 3.58 -2.29 -29.28
N GLU C 109 3.16 -1.04 -29.29
CA GLU C 109 1.86 -0.66 -29.85
C GLU C 109 1.99 0.61 -30.68
N LEU C 110 1.31 0.63 -31.82
CA LEU C 110 1.09 1.83 -32.61
C LEU C 110 -0.39 2.01 -32.82
N SER C 111 -0.86 3.25 -32.74
CA SER C 111 -2.29 3.47 -32.90
C SER C 111 -2.45 4.10 -34.28
N SER C 118 -7.20 -1.74 -48.97
CA SER C 118 -6.29 -0.84 -48.28
C SER C 118 -4.95 -1.54 -48.03
N GLU C 119 -3.90 -0.75 -47.84
CA GLU C 119 -2.58 -1.31 -47.61
C GLU C 119 -2.53 -1.94 -46.22
N ASP C 120 -1.71 -2.98 -46.08
CA ASP C 120 -1.57 -3.64 -44.79
C ASP C 120 -0.48 -2.90 -44.01
N PRO C 121 -0.82 -2.20 -42.91
CA PRO C 121 0.22 -1.46 -42.17
C PRO C 121 1.36 -2.33 -41.68
N TYR C 122 1.12 -3.61 -41.42
CA TYR C 122 2.18 -4.49 -40.98
C TYR C 122 3.25 -4.72 -42.05
N GLN C 123 2.98 -4.35 -43.31
CA GLN C 123 3.96 -4.45 -44.38
C GLN C 123 4.65 -3.11 -44.67
N ILE C 124 4.32 -2.06 -43.92
CA ILE C 124 4.93 -0.76 -44.14
C ILE C 124 6.28 -0.71 -43.44
N PRO C 125 7.36 -0.31 -44.13
CA PRO C 125 8.70 -0.35 -43.50
C PRO C 125 8.79 0.41 -42.19
N GLU C 126 8.24 1.63 -42.12
CA GLU C 126 8.41 2.40 -40.89
C GLU C 126 7.64 1.74 -39.73
N VAL C 127 6.45 1.21 -40.02
CA VAL C 127 5.69 0.49 -39.00
C VAL C 127 6.49 -0.69 -38.45
N ARG C 128 7.08 -1.50 -39.35
CA ARG C 128 7.88 -2.64 -38.92
C ARG C 128 9.07 -2.22 -38.08
N ARG C 129 9.67 -1.08 -38.39
CA ARG C 129 10.81 -0.61 -37.62
C ARG C 129 10.40 -0.20 -36.20
N ARG C 130 9.17 0.26 -36.02
CA ARG C 130 8.70 0.65 -34.70
C ARG C 130 8.07 -0.50 -33.91
N LEU C 131 7.39 -1.44 -34.58
CA LEU C 131 6.79 -2.59 -33.90
C LEU C 131 7.83 -3.56 -33.39
N TYR C 132 8.99 -3.63 -34.04
CA TYR C 132 10.02 -4.60 -33.69
C TYR C 132 11.34 -3.83 -33.49
N PRO C 133 11.38 -2.95 -32.49
CA PRO C 133 12.46 -1.96 -32.42
C PRO C 133 13.74 -2.50 -31.81
N ILE C 134 14.86 -2.02 -32.35
CA ILE C 134 16.14 -2.16 -31.69
C ILE C 134 16.25 -1.01 -30.70
N LEU C 135 16.39 -1.33 -29.43
CA LEU C 135 16.33 -0.30 -28.40
C LEU C 135 17.54 0.61 -28.49
N PRO C 136 17.35 1.92 -28.33
CA PRO C 136 18.49 2.83 -28.41
C PRO C 136 19.48 2.61 -27.28
N LYS C 137 20.75 2.88 -27.57
CA LYS C 137 21.80 2.83 -26.56
C LYS C 137 22.15 4.20 -26.03
N THR C 138 21.13 4.92 -25.56
CA THR C 138 21.29 6.27 -25.06
C THR C 138 21.84 6.27 -23.65
N ASN C 139 22.41 7.41 -23.25
CA ASN C 139 22.96 7.56 -21.91
C ASN C 139 21.93 7.30 -20.83
N TYR C 140 20.67 7.68 -21.07
CA TYR C 140 19.65 7.66 -20.03
C TYR C 140 18.37 7.01 -20.54
N ILE C 141 17.61 6.48 -19.57
CA ILE C 141 16.29 5.90 -19.79
C ILE C 141 15.32 6.44 -18.75
N CYS C 142 14.03 6.46 -19.10
CA CYS C 142 12.94 6.83 -18.19
C CYS C 142 11.78 5.88 -18.45
N PHE C 143 11.16 5.36 -17.40
CA PHE C 143 9.98 4.49 -17.59
C PHE C 143 8.87 4.91 -16.63
N TYR C 144 7.64 4.94 -17.13
CA TYR C 144 6.50 5.04 -16.24
C TYR C 144 5.28 4.46 -16.93
N PRO C 145 4.31 3.92 -16.17
CA PRO C 145 3.06 3.46 -16.78
C PRO C 145 1.99 4.53 -16.66
N MET C 146 0.91 4.40 -17.41
CA MET C 146 -0.19 5.36 -17.32
C MET C 146 -1.50 4.72 -17.76
N ASP C 147 -2.58 5.35 -17.29
CA ASP C 147 -3.95 5.11 -17.71
C ASP C 147 -4.48 6.40 -18.34
N LYS C 148 -5.59 6.25 -19.04
CA LYS C 148 -6.38 7.40 -19.46
C LYS C 148 -7.66 7.46 -18.64
N ARG C 149 -7.91 8.63 -18.08
CA ARG C 149 -8.97 8.83 -17.10
C ARG C 149 -10.35 8.41 -17.60
N ARG C 150 -11.11 7.80 -16.68
CA ARG C 150 -12.51 7.43 -16.88
C ARG C 150 -13.33 7.97 -15.71
N GLN C 151 -13.67 9.26 -15.75
CA GLN C 151 -14.48 9.84 -14.70
C GLN C 151 -15.73 10.47 -15.30
N GLY C 152 -16.71 10.73 -14.44
CA GLY C 152 -17.96 11.31 -14.94
C GLY C 152 -17.73 12.55 -15.78
N ASN C 153 -16.80 13.39 -15.35
CA ASN C 153 -16.60 14.65 -16.07
C ASN C 153 -15.75 14.45 -17.33
N ASP C 154 -14.72 13.64 -17.23
CA ASP C 154 -13.72 13.44 -18.28
C ASP C 154 -13.46 11.94 -18.38
N ASN C 155 -14.08 11.31 -19.36
CA ASN C 155 -13.93 9.88 -19.60
C ASN C 155 -13.43 9.68 -21.03
N TRP C 156 -12.15 9.34 -21.15
CA TRP C 156 -11.49 9.19 -22.45
C TRP C 156 -12.23 8.20 -23.36
N TYR C 157 -12.72 7.11 -22.78
CA TYR C 157 -13.32 6.03 -23.53
C TYR C 157 -14.78 6.34 -23.92
N MET C 158 -15.35 7.43 -23.40
N MET C 158 -15.35 7.44 -23.46
CA MET C 158 -16.68 7.89 -23.81
CA MET C 158 -16.68 7.83 -23.91
C MET C 158 -16.62 8.97 -24.87
C MET C 158 -16.64 9.00 -24.88
N LEU C 159 -15.45 9.52 -25.17
CA LEU C 159 -15.31 10.52 -26.21
C LEU C 159 -15.58 9.89 -27.59
N SER C 160 -15.97 10.72 -28.54
CA SER C 160 -16.07 10.28 -29.92
C SER C 160 -14.68 10.03 -30.49
N MET C 161 -14.62 9.20 -31.54
CA MET C 161 -13.35 8.95 -32.21
C MET C 161 -12.71 10.26 -32.66
N GLU C 162 -13.50 11.21 -33.16
CA GLU C 162 -12.95 12.47 -33.68
C GLU C 162 -12.37 13.32 -32.56
N GLN C 163 -13.02 13.36 -31.40
CA GLN C 163 -12.49 14.08 -30.25
C GLN C 163 -11.14 13.50 -29.80
N ARG C 164 -11.06 12.17 -29.71
N ARG C 164 -11.05 12.18 -29.71
CA ARG C 164 -9.79 11.54 -29.32
CA ARG C 164 -9.78 11.54 -29.32
C ARG C 164 -8.71 11.81 -30.36
C ARG C 164 -8.71 11.81 -30.36
N ARG C 165 -9.05 11.72 -31.64
CA ARG C 165 -8.07 11.99 -32.69
C ARG C 165 -7.54 13.41 -32.60
N GLU C 166 -8.42 14.37 -32.37
CA GLU C 166 -8.01 15.76 -32.22
C GLU C 166 -7.05 15.95 -31.04
N LEU C 167 -7.41 15.39 -29.88
CA LEU C 167 -6.53 15.47 -28.72
C LEU C 167 -5.16 14.87 -29.01
N MET C 168 -5.14 13.74 -29.73
CA MET C 168 -3.87 13.08 -30.00
C MET C 168 -3.03 13.82 -31.04
N ARG C 169 -3.67 14.49 -31.99
CA ARG C 169 -2.92 15.32 -32.93
C ARG C 169 -2.17 16.42 -32.20
N ALA C 170 -2.83 17.07 -31.23
CA ALA C 170 -2.13 18.10 -30.46
C ALA C 170 -0.95 17.52 -29.69
N HIS C 171 -1.17 16.37 -29.03
CA HIS C 171 -0.09 15.63 -28.37
C HIS C 171 1.11 15.38 -29.29
N GLY C 172 0.84 14.85 -30.48
CA GLY C 172 1.91 14.56 -31.42
C GLY C 172 2.66 15.81 -31.85
N MET C 173 1.93 16.92 -32.01
N MET C 173 1.95 16.92 -32.00
CA MET C 173 2.58 18.19 -32.32
CA MET C 173 2.62 18.17 -32.33
C MET C 173 3.58 18.58 -31.24
C MET C 173 3.61 18.56 -31.23
N THR C 174 3.20 18.42 -29.97
CA THR C 174 4.14 18.72 -28.89
C THR C 174 5.33 17.76 -28.90
N GLY C 175 5.08 16.47 -29.11
CA GLY C 175 6.18 15.51 -29.12
C GLY C 175 7.19 15.76 -30.23
N ARG C 176 6.70 16.19 -31.40
CA ARG C 176 7.62 16.37 -32.53
C ARG C 176 8.66 17.44 -32.27
N LYS C 177 8.40 18.37 -31.35
CA LYS C 177 9.39 19.36 -30.98
C LYS C 177 10.62 18.73 -30.36
N TYR C 178 10.51 17.50 -29.84
CA TYR C 178 11.61 16.81 -29.19
C TYR C 178 12.24 15.75 -30.10
N ALA C 179 11.95 15.80 -31.40
CA ALA C 179 12.59 14.91 -32.36
C ALA C 179 14.10 15.08 -32.30
N GLY C 180 14.82 13.97 -32.31
CA GLY C 180 16.25 14.02 -32.18
C GLY C 180 16.77 14.27 -30.77
N LYS C 181 15.89 14.54 -29.82
CA LYS C 181 16.26 14.71 -28.42
C LYS C 181 15.83 13.54 -27.55
N VAL C 182 14.64 13.01 -27.80
CA VAL C 182 14.06 11.92 -27.02
C VAL C 182 13.34 10.97 -27.96
N THR C 183 13.59 9.67 -27.80
N THR C 183 13.58 9.66 -27.82
CA THR C 183 12.84 8.65 -28.51
CA THR C 183 12.82 8.67 -28.55
C THR C 183 11.92 7.92 -27.53
C THR C 183 11.93 7.90 -27.56
N GLN C 184 10.64 7.79 -27.89
CA GLN C 184 9.68 7.12 -27.03
C GLN C 184 9.32 5.78 -27.63
N ILE C 185 9.15 4.80 -26.76
CA ILE C 185 8.59 3.51 -27.10
C ILE C 185 7.39 3.31 -26.20
N ILE C 186 6.21 3.31 -26.82
CA ILE C 186 4.95 3.12 -26.12
C ILE C 186 4.57 1.66 -26.24
N THR C 187 4.29 1.03 -25.11
CA THR C 187 3.75 -0.32 -25.11
C THR C 187 2.33 -0.28 -24.55
N GLY C 188 1.49 -1.19 -25.02
CA GLY C 188 0.12 -1.30 -24.51
C GLY C 188 0.05 -2.47 -23.54
N SER C 189 -0.68 -2.26 -22.43
CA SER C 189 -0.78 -3.30 -21.42
C SER C 189 -2.20 -3.55 -20.93
N VAL C 190 -3.22 -2.98 -21.56
CA VAL C 190 -4.58 -3.39 -21.22
C VAL C 190 -4.72 -4.89 -21.40
N GLY C 191 -5.21 -5.56 -20.37
CA GLY C 191 -5.29 -7.00 -20.35
C GLY C 191 -4.01 -7.73 -19.99
N LEU C 192 -2.90 -7.03 -19.77
CA LEU C 192 -1.62 -7.68 -19.53
C LEU C 192 -0.95 -7.26 -18.23
N ASP C 193 -1.18 -6.04 -17.76
CA ASP C 193 -0.60 -5.54 -16.52
C ASP C 193 -1.53 -4.49 -15.93
N ASP C 194 -1.04 -3.76 -14.90
CA ASP C 194 -1.94 -3.03 -14.02
C ASP C 194 -2.37 -1.67 -14.56
N PHE C 195 -1.62 -1.07 -15.47
CA PHE C 195 -2.00 0.16 -16.15
C PHE C 195 -2.33 -0.15 -17.62
N GLU C 196 -2.62 0.89 -18.39
CA GLU C 196 -3.05 0.69 -19.77
C GLU C 196 -1.92 0.82 -20.78
N TRP C 197 -0.92 1.63 -20.47
CA TRP C 197 0.26 1.76 -21.33
C TRP C 197 1.52 1.85 -20.49
N GLY C 198 2.61 1.38 -21.08
CA GLY C 198 3.96 1.66 -20.62
C GLY C 198 4.61 2.72 -21.50
N VAL C 199 5.29 3.67 -20.88
CA VAL C 199 6.03 4.71 -21.59
C VAL C 199 7.50 4.58 -21.26
N THR C 200 8.32 4.31 -22.27
CA THR C 200 9.76 4.29 -22.11
C THR C 200 10.37 5.38 -22.98
N LEU C 201 11.17 6.25 -22.36
CA LEU C 201 11.87 7.33 -23.04
C LEU C 201 13.38 7.08 -22.99
N PHE C 202 14.04 7.37 -24.12
CA PHE C 202 15.48 7.25 -24.26
C PHE C 202 16.07 8.59 -24.68
N SER C 203 17.12 9.02 -23.98
CA SER C 203 17.73 10.28 -24.36
C SER C 203 19.18 10.31 -23.86
N ASP C 204 20.01 11.07 -24.57
CA ASP C 204 21.36 11.33 -24.07
C ASP C 204 21.41 12.49 -23.09
N ASP C 205 20.28 13.15 -22.82
CA ASP C 205 20.21 14.24 -21.86
C ASP C 205 19.00 14.02 -20.97
N ALA C 206 19.24 13.62 -19.71
CA ALA C 206 18.12 13.28 -18.82
C ALA C 206 17.15 14.45 -18.62
N LEU C 207 17.65 15.69 -18.71
CA LEU C 207 16.76 16.83 -18.52
C LEU C 207 15.63 16.85 -19.54
N GLN C 208 15.86 16.28 -20.72
CA GLN C 208 14.82 16.27 -21.74
C GLN C 208 13.61 15.46 -21.29
N PHE C 209 13.81 14.44 -20.44
CA PHE C 209 12.67 13.73 -19.88
C PHE C 209 11.75 14.70 -19.16
N LYS C 210 12.33 15.56 -18.32
CA LYS C 210 11.53 16.53 -17.60
C LYS C 210 10.93 17.52 -18.57
N LYS C 211 11.72 17.98 -19.54
CA LYS C 211 11.22 19.02 -20.45
C LYS C 211 10.01 18.51 -21.21
N LEU C 212 10.11 17.30 -21.76
CA LEU C 212 9.04 16.74 -22.59
C LEU C 212 7.80 16.46 -21.76
N VAL C 213 7.95 15.68 -20.68
CA VAL C 213 6.78 15.23 -19.93
C VAL C 213 6.08 16.43 -19.32
N TYR C 214 6.84 17.38 -18.78
CA TYR C 214 6.23 18.56 -18.20
C TYR C 214 5.53 19.38 -19.26
N GLU C 215 6.16 19.57 -20.42
CA GLU C 215 5.48 20.35 -21.45
C GLU C 215 4.20 19.63 -21.87
N MET C 216 4.28 18.30 -22.00
CA MET C 216 3.11 17.56 -22.45
C MET C 216 1.99 17.61 -21.43
N ARG C 217 2.33 17.86 -20.16
CA ARG C 217 1.27 17.91 -19.15
C ARG C 217 0.32 19.07 -19.40
N PHE C 218 0.73 20.06 -20.20
CA PHE C 218 -0.17 21.16 -20.57
C PHE C 218 -0.95 20.89 -21.84
N ASP C 219 -0.66 19.81 -22.57
CA ASP C 219 -1.55 19.36 -23.64
C ASP C 219 -2.84 18.86 -23.01
N GLU C 220 -3.97 19.11 -23.68
CA GLU C 220 -5.25 18.75 -23.05
C GLU C 220 -5.35 17.24 -22.78
N VAL C 221 -4.82 16.39 -23.67
CA VAL C 221 -4.96 14.95 -23.44
C VAL C 221 -4.29 14.54 -22.13
N SER C 222 -3.10 15.07 -21.85
CA SER C 222 -2.42 14.74 -20.59
C SER C 222 -3.04 15.47 -19.39
N ALA C 223 -3.34 16.76 -19.52
CA ALA C 223 -3.88 17.54 -18.42
C ALA C 223 -5.22 16.96 -17.94
N ARG C 224 -6.11 16.62 -18.88
CA ARG C 224 -7.45 16.18 -18.54
C ARG C 224 -7.57 14.67 -18.35
N PHE C 225 -6.74 13.87 -19.03
CA PHE C 225 -6.94 12.42 -19.01
C PHE C 225 -5.75 11.62 -18.50
N GLY C 226 -4.59 12.24 -18.26
CA GLY C 226 -3.43 11.46 -17.85
C GLY C 226 -3.53 10.98 -16.41
N GLU C 227 -3.30 9.68 -16.19
CA GLU C 227 -3.16 9.13 -14.84
C GLU C 227 -1.84 8.37 -14.79
N PHE C 228 -0.92 8.79 -13.92
CA PHE C 228 0.46 8.32 -13.99
C PHE C 228 0.84 7.42 -12.82
N GLY C 229 1.65 6.42 -13.11
CA GLY C 229 2.29 5.60 -12.09
C GLY C 229 3.63 6.17 -11.65
N SER C 230 4.51 5.28 -11.20
CA SER C 230 5.83 5.68 -10.73
C SER C 230 6.78 5.88 -11.90
N PHE C 231 7.73 6.81 -11.71
CA PHE C 231 8.74 7.15 -12.70
C PHE C 231 10.10 6.60 -12.27
N PHE C 232 10.77 5.91 -13.18
CA PHE C 232 12.09 5.30 -12.95
C PHE C 232 13.06 5.92 -13.94
N VAL C 233 14.16 6.51 -13.46
CA VAL C 233 15.17 7.08 -14.36
C VAL C 233 16.50 6.37 -14.13
N GLY C 234 17.20 6.10 -15.23
CA GLY C 234 18.44 5.34 -15.13
C GLY C 234 19.50 5.78 -16.12
N THR C 235 20.72 5.28 -15.85
CA THR C 235 21.91 5.49 -16.67
C THR C 235 22.36 4.17 -17.29
N ARG C 236 22.81 4.21 -18.53
CA ARG C 236 23.09 2.99 -19.25
C ARG C 236 24.22 2.22 -18.56
N LEU C 237 24.09 0.89 -18.51
CA LEU C 237 25.12 0.02 -17.94
C LEU C 237 25.74 -0.78 -19.07
N PRO C 238 26.82 -0.29 -19.68
CA PRO C 238 27.51 -1.11 -20.69
C PRO C 238 28.00 -2.40 -20.07
N MET C 239 27.95 -3.49 -20.83
CA MET C 239 28.36 -4.77 -20.26
C MET C 239 29.82 -4.73 -19.82
N GLU C 240 30.65 -3.96 -20.52
CA GLU C 240 32.04 -3.84 -20.14
C GLU C 240 32.22 -3.13 -18.80
N ASN C 241 31.17 -2.52 -18.24
CA ASN C 241 31.24 -1.90 -16.92
C ASN C 241 30.64 -2.77 -15.82
N VAL C 242 30.02 -3.90 -16.16
CA VAL C 242 29.30 -4.67 -15.14
C VAL C 242 30.24 -5.08 -14.01
N SER C 243 31.40 -5.68 -14.36
CA SER C 243 32.32 -6.11 -13.31
C SER C 243 32.67 -4.94 -12.39
N SER C 244 32.98 -3.79 -12.98
CA SER C 244 33.36 -2.65 -12.17
C SER C 244 32.20 -2.22 -11.28
N PHE C 245 30.99 -2.26 -11.82
CA PHE C 245 29.85 -1.82 -11.04
C PHE C 245 29.63 -2.74 -9.85
N PHE C 246 29.83 -4.04 -10.03
CA PHE C 246 29.58 -4.98 -8.95
C PHE C 246 30.80 -5.23 -8.07
N HIS C 247 31.89 -4.49 -8.27
CA HIS C 247 33.10 -4.71 -7.49
C HIS C 247 32.94 -4.23 -6.05
N VAL C 248 33.26 -5.11 -5.12
CA VAL C 248 33.33 -4.76 -3.70
C VAL C 248 34.60 -5.38 -3.11
N SER D 2 -3.49 25.42 -23.16
CA SER D 2 -2.88 26.62 -22.59
C SER D 2 -1.34 26.57 -22.64
N GLU D 3 -0.72 27.73 -22.40
CA GLU D 3 0.72 27.89 -22.59
C GLU D 3 1.52 27.16 -21.52
N ALA D 4 2.43 26.30 -21.95
CA ALA D 4 3.22 25.51 -21.00
C ALA D 4 4.19 26.40 -20.24
N ALA D 5 4.39 26.09 -18.96
CA ALA D 5 5.41 26.78 -18.19
C ALA D 5 6.79 26.41 -18.72
N GLN D 6 7.72 27.36 -18.64
CA GLN D 6 9.11 27.18 -19.01
C GLN D 6 10.00 27.31 -17.79
N THR D 7 11.12 26.60 -17.78
CA THR D 7 11.95 26.53 -16.59
C THR D 7 13.41 26.81 -16.91
N LEU D 8 14.10 27.37 -15.93
CA LEU D 8 15.56 27.32 -15.84
C LEU D 8 15.91 26.20 -14.88
N ASP D 9 16.90 25.38 -15.25
CA ASP D 9 17.19 24.19 -14.48
C ASP D 9 18.65 24.15 -14.06
N GLY D 10 18.86 23.79 -12.80
CA GLY D 10 20.17 23.73 -12.21
C GLY D 10 20.61 22.34 -11.85
N TRP D 11 21.17 22.18 -10.65
CA TRP D 11 21.73 20.91 -10.24
C TRP D 11 20.65 19.86 -10.06
N TYR D 12 20.99 18.62 -10.40
CA TYR D 12 20.22 17.46 -9.99
C TYR D 12 20.31 17.28 -8.47
N CYS D 13 19.25 16.71 -7.90
CA CYS D 13 19.09 16.57 -6.46
C CYS D 13 18.64 15.14 -6.12
N LEU D 14 19.30 14.55 -5.13
CA LEU D 14 18.92 13.28 -4.53
C LEU D 14 18.58 13.51 -3.06
N HIS D 15 17.39 13.12 -2.65
CA HIS D 15 17.05 12.96 -1.25
C HIS D 15 17.11 11.46 -0.94
N ASP D 16 18.03 11.05 -0.07
CA ASP D 16 18.22 9.65 0.27
C ASP D 16 17.93 9.50 1.75
N PHE D 17 16.81 8.85 2.07
CA PHE D 17 16.37 8.62 3.45
C PHE D 17 16.62 7.17 3.84
N ARG D 18 17.17 6.99 5.05
CA ARG D 18 17.47 5.67 5.60
C ARG D 18 16.97 5.53 7.04
N THR D 19 16.67 4.28 7.41
N THR D 19 16.67 4.27 7.42
CA THR D 19 16.43 3.86 8.79
CA THR D 19 16.44 3.90 8.80
C THR D 19 17.70 3.18 9.30
C THR D 19 17.66 3.15 9.32
N ILE D 20 18.03 3.41 10.55
CA ILE D 20 19.24 2.81 11.14
C ILE D 20 18.89 1.46 11.77
N ASP D 21 19.64 0.42 11.41
CA ASP D 21 19.42 -0.93 11.96
C ASP D 21 20.22 -1.02 13.26
N TRP D 22 19.65 -0.41 14.31
CA TRP D 22 20.37 -0.34 15.58
C TRP D 22 20.68 -1.73 16.13
N SER D 23 19.71 -2.64 16.08
CA SER D 23 19.94 -3.95 16.71
C SER D 23 21.09 -4.69 16.04
N ALA D 24 21.22 -4.61 14.71
CA ALA D 24 22.35 -5.23 14.04
C ALA D 24 23.65 -4.47 14.29
N TRP D 25 23.59 -3.13 14.29
CA TRP D 25 24.78 -2.33 14.53
C TRP D 25 25.40 -2.66 15.88
N LYS D 26 24.56 -2.94 16.89
CA LYS D 26 25.06 -3.25 18.23
C LYS D 26 25.88 -4.54 18.26
N THR D 27 25.62 -5.47 17.34
CA THR D 27 26.36 -6.73 17.32
C THR D 27 27.67 -6.64 16.56
N LEU D 28 27.90 -5.57 15.81
CA LEU D 28 29.17 -5.44 15.10
C LEU D 28 30.27 -5.06 16.09
N PRO D 29 31.43 -5.73 16.06
CA PRO D 29 32.50 -5.40 17.01
C PRO D 29 32.90 -3.93 16.99
N ASN D 30 33.26 -3.43 18.16
CA ASN D 30 33.57 -2.01 18.32
C ASN D 30 34.57 -1.52 17.27
N GLU D 31 35.66 -2.25 17.06
CA GLU D 31 36.67 -1.74 16.13
C GLU D 31 36.12 -1.67 14.72
N GLU D 32 35.21 -2.57 14.36
CA GLU D 32 34.59 -2.51 13.03
C GLU D 32 33.58 -1.36 12.93
N ARG D 33 32.89 -1.04 14.02
CA ARG D 33 32.04 0.16 14.01
C ARG D 33 32.88 1.41 13.85
N GLU D 34 34.02 1.50 14.56
CA GLU D 34 34.91 2.64 14.40
C GLU D 34 35.43 2.75 12.98
N ALA D 35 35.77 1.62 12.37
CA ALA D 35 36.25 1.67 11.00
C ALA D 35 35.13 2.11 10.05
N ALA D 36 33.91 1.64 10.28
CA ALA D 36 32.78 2.03 9.43
C ALA D 36 32.52 3.53 9.53
N ILE D 37 32.58 4.07 10.74
CA ILE D 37 32.37 5.51 10.89
C ILE D 37 33.47 6.29 10.20
N SER D 38 34.73 5.84 10.33
N SER D 38 34.73 5.84 10.33
CA SER D 38 35.81 6.55 9.67
CA SER D 38 35.83 6.54 9.68
C SER D 38 35.67 6.50 8.16
C SER D 38 35.66 6.49 8.16
N GLU D 39 35.23 5.36 7.63
CA GLU D 39 35.05 5.22 6.19
C GLU D 39 33.94 6.16 5.69
N PHE D 40 32.84 6.20 6.43
CA PHE D 40 31.74 7.12 6.10
C PHE D 40 32.21 8.57 6.12
N LEU D 41 32.95 8.95 7.17
CA LEU D 41 33.41 10.33 7.26
C LEU D 41 34.38 10.67 6.14
N ALA D 42 35.16 9.68 5.66
CA ALA D 42 36.04 9.94 4.53
C ALA D 42 35.24 10.20 3.25
N LEU D 43 34.17 9.42 3.04
CA LEU D 43 33.27 9.68 1.92
C LEU D 43 32.70 11.10 2.00
N VAL D 44 32.16 11.47 3.15
CA VAL D 44 31.61 12.80 3.27
C VAL D 44 32.70 13.83 3.04
N ASP D 45 33.94 13.54 3.44
N ASP D 45 33.94 13.55 3.45
CA ASP D 45 35.02 14.49 3.16
CA ASP D 45 35.03 14.48 3.16
C ASP D 45 35.15 14.73 1.67
C ASP D 45 35.14 14.73 1.67
N GLN D 46 35.00 13.69 0.85
CA GLN D 46 34.99 13.89 -0.59
C GLN D 46 33.84 14.83 -1.01
N TRP D 47 32.65 14.62 -0.43
CA TRP D 47 31.53 15.52 -0.76
C TRP D 47 31.87 16.97 -0.39
N GLU D 48 32.47 17.17 0.80
CA GLU D 48 32.83 18.52 1.23
C GLU D 48 33.82 19.14 0.26
N THR D 49 34.77 18.36 -0.25
CA THR D 49 35.68 18.90 -1.26
C THR D 49 34.89 19.38 -2.47
N THR D 50 33.95 18.57 -2.96
CA THR D 50 33.15 18.98 -4.11
C THR D 50 32.42 20.28 -3.82
N GLU D 51 31.86 20.44 -2.62
CA GLU D 51 31.13 21.65 -2.30
C GLU D 51 32.05 22.87 -2.25
N SER D 52 33.22 22.74 -1.62
CA SER D 52 34.14 23.87 -1.53
C SER D 52 34.58 24.32 -2.91
N GLU D 53 34.69 23.39 -3.85
CA GLU D 53 35.00 23.71 -5.25
C GLU D 53 33.79 24.20 -6.04
N LYS D 54 32.63 24.34 -5.39
CA LYS D 54 31.41 24.87 -6.03
C LYS D 54 30.92 23.98 -7.18
N GLN D 55 31.13 22.66 -7.07
CA GLN D 55 30.64 21.69 -8.02
C GLN D 55 29.55 20.78 -7.45
N GLY D 56 28.90 21.21 -6.39
CA GLY D 56 27.85 20.42 -5.78
C GLY D 56 27.58 20.91 -4.39
N SER D 57 26.63 20.22 -3.73
CA SER D 57 26.33 20.59 -2.37
C SER D 57 25.71 19.39 -1.68
N HIS D 58 25.68 19.42 -0.33
CA HIS D 58 25.06 18.34 0.42
C HIS D 58 24.65 18.80 1.82
N ALA D 59 23.79 18.00 2.44
CA ALA D 59 23.33 18.23 3.79
C ALA D 59 22.99 16.89 4.41
N VAL D 60 23.17 16.77 5.72
CA VAL D 60 22.90 15.54 6.45
C VAL D 60 22.07 15.89 7.67
N TYR D 61 20.92 15.25 7.81
CA TYR D 61 20.01 15.54 8.91
C TYR D 61 19.50 14.23 9.48
N THR D 62 19.28 14.19 10.79
CA THR D 62 18.60 13.07 11.41
C THR D 62 17.10 13.36 11.45
N ILE D 63 16.30 12.35 11.09
CA ILE D 63 14.86 12.51 10.90
C ILE D 63 14.12 11.97 12.12
N VAL D 64 13.15 12.72 12.57
CA VAL D 64 12.37 12.40 13.76
C VAL D 64 11.22 11.48 13.36
N GLY D 65 10.94 10.53 14.23
CA GLY D 65 9.90 9.55 13.96
C GLY D 65 10.46 8.34 13.27
N GLN D 66 9.55 7.45 12.86
CA GLN D 66 9.93 6.16 12.28
C GLN D 66 9.99 6.12 10.76
N LYS D 67 9.53 7.16 10.06
CA LYS D 67 9.56 7.12 8.60
C LYS D 67 10.98 7.05 8.07
N ALA D 68 11.93 7.66 8.78
CA ALA D 68 13.35 7.61 8.44
C ALA D 68 14.14 8.03 9.66
N ASP D 69 15.44 7.73 9.66
CA ASP D 69 16.32 8.17 10.72
C ASP D 69 17.39 9.14 10.27
N ILE D 70 17.78 9.10 8.98
CA ILE D 70 18.83 9.98 8.47
C ILE D 70 18.52 10.31 7.02
N LEU D 71 18.87 11.53 6.64
CA LEU D 71 18.67 12.09 5.31
C LEU D 71 20.00 12.59 4.78
N PHE D 72 20.37 12.13 3.61
CA PHE D 72 21.43 12.72 2.82
C PHE D 72 20.81 13.43 1.62
N MET D 73 20.93 14.75 1.56
CA MET D 73 20.48 15.54 0.42
C MET D 73 21.71 15.99 -0.37
N ILE D 74 21.77 15.61 -1.65
CA ILE D 74 22.96 15.75 -2.48
C ILE D 74 22.58 16.41 -3.79
N LEU D 75 23.29 17.48 -4.15
CA LEU D 75 23.12 18.19 -5.41
C LEU D 75 24.39 18.02 -6.25
N ARG D 76 24.23 17.63 -7.51
CA ARG D 76 25.34 17.46 -8.44
C ARG D 76 24.95 17.91 -9.84
N PRO D 77 25.94 18.24 -10.69
CA PRO D 77 25.63 18.72 -12.05
C PRO D 77 25.02 17.65 -12.97
N THR D 78 25.23 16.38 -12.71
CA THR D 78 24.70 15.34 -13.59
C THR D 78 24.01 14.27 -12.77
N LEU D 79 23.08 13.57 -13.43
CA LEU D 79 22.44 12.41 -12.82
C LEU D 79 23.45 11.30 -12.55
N ASP D 80 24.43 11.15 -13.44
CA ASP D 80 25.44 10.11 -13.26
C ASP D 80 26.16 10.26 -11.92
N GLU D 81 26.50 11.50 -11.55
CA GLU D 81 27.20 11.71 -10.29
C GLU D 81 26.36 11.31 -9.10
N LEU D 82 25.05 11.58 -9.16
CA LEU D 82 24.18 11.14 -8.08
C LEU D 82 24.20 9.63 -7.99
N HIS D 83 24.11 8.95 -9.14
CA HIS D 83 24.14 7.51 -9.15
C HIS D 83 25.45 6.98 -8.56
N GLU D 84 26.57 7.66 -8.86
CA GLU D 84 27.86 7.18 -8.35
C GLU D 84 27.97 7.42 -6.85
N ILE D 85 27.45 8.54 -6.34
CA ILE D 85 27.50 8.78 -4.91
C ILE D 85 26.64 7.75 -4.17
N GLU D 86 25.46 7.45 -4.72
CA GLU D 86 24.59 6.45 -4.12
C GLU D 86 25.29 5.08 -4.08
N THR D 87 25.93 4.70 -5.18
CA THR D 87 26.61 3.41 -5.24
C THR D 87 27.79 3.36 -4.27
N ALA D 88 28.58 4.43 -4.20
CA ALA D 88 29.72 4.47 -3.28
C ALA D 88 29.24 4.40 -1.83
N LEU D 89 28.14 5.08 -1.51
CA LEU D 89 27.56 4.99 -0.18
C LEU D 89 27.10 3.57 0.11
N ASN D 90 26.42 2.93 -0.83
CA ASN D 90 25.89 1.60 -0.58
C ASN D 90 27.00 0.58 -0.42
N LYS D 91 28.20 0.86 -0.92
CA LYS D 91 29.33 -0.05 -0.76
C LYS D 91 30.12 0.16 0.53
N THR D 92 29.80 1.18 1.34
CA THR D 92 30.43 1.33 2.66
C THR D 92 29.86 0.32 3.64
N LYS D 93 30.62 0.06 4.71
CA LYS D 93 30.13 -0.86 5.72
C LYS D 93 28.94 -0.26 6.48
N LEU D 94 28.99 1.04 6.76
CA LEU D 94 27.90 1.65 7.51
C LEU D 94 26.58 1.48 6.78
N ALA D 95 26.61 1.53 5.45
CA ALA D 95 25.37 1.46 4.69
C ALA D 95 24.65 0.13 4.90
N ASP D 96 25.37 -0.92 5.32
CA ASP D 96 24.71 -2.18 5.62
C ASP D 96 23.70 -2.04 6.75
N TYR D 97 23.83 -1.00 7.58
CA TYR D 97 22.94 -0.71 8.70
C TYR D 97 22.06 0.50 8.42
N LEU D 98 22.11 1.04 7.21
CA LEU D 98 21.26 2.16 6.79
C LEU D 98 20.27 1.59 5.77
N LEU D 99 19.10 1.18 6.27
CA LEU D 99 18.12 0.49 5.45
C LEU D 99 17.33 1.51 4.62
N PRO D 100 16.95 1.15 3.39
CA PRO D 100 16.18 2.08 2.55
C PRO D 100 14.87 2.46 3.22
N ALA D 101 14.51 3.74 3.10
CA ALA D 101 13.29 4.26 3.71
C ALA D 101 12.48 5.03 2.70
N TYR D 102 13.15 5.93 1.97
CA TYR D 102 12.47 6.74 0.96
C TYR D 102 13.55 7.44 0.17
N SER D 103 13.23 7.85 -1.07
CA SER D 103 14.20 8.56 -1.88
C SER D 103 13.44 9.47 -2.82
N TYR D 104 14.14 10.47 -3.33
CA TYR D 104 13.53 11.41 -4.27
C TYR D 104 14.61 11.92 -5.20
N VAL D 105 14.29 11.96 -6.50
CA VAL D 105 15.21 12.39 -7.56
C VAL D 105 14.56 13.56 -8.27
N SER D 106 15.26 14.69 -8.36
CA SER D 106 14.67 15.91 -8.91
C SER D 106 15.78 16.83 -9.43
N VAL D 107 15.38 18.02 -9.88
N VAL D 107 15.37 18.02 -9.88
CA VAL D 107 16.35 18.98 -10.39
CA VAL D 107 16.29 19.02 -10.42
C VAL D 107 15.91 20.39 -10.01
C VAL D 107 15.87 20.39 -9.93
N VAL D 108 16.85 21.19 -9.49
CA VAL D 108 16.55 22.56 -9.09
C VAL D 108 15.88 23.28 -10.24
N GLU D 109 14.75 23.94 -9.95
CA GLU D 109 13.89 24.50 -10.99
C GLU D 109 13.50 25.92 -10.62
N LEU D 110 13.64 26.84 -11.57
CA LEU D 110 13.10 28.19 -11.47
C LEU D 110 12.15 28.41 -12.63
N SER D 111 11.00 29.03 -12.39
CA SER D 111 10.01 29.13 -13.44
C SER D 111 10.00 30.52 -14.06
N ASN D 112 9.25 30.64 -15.16
CA ASN D 112 9.05 31.90 -15.87
C ASN D 112 7.75 32.60 -15.48
N TYR D 113 7.09 32.15 -14.41
CA TYR D 113 5.88 32.83 -13.93
C TYR D 113 6.19 34.25 -13.48
N ASP D 120 20.33 36.26 -21.05
CA ASP D 120 20.81 34.95 -20.64
C ASP D 120 20.80 34.82 -19.11
N PRO D 121 19.70 34.30 -18.55
CA PRO D 121 19.59 34.22 -17.10
C PRO D 121 20.69 33.39 -16.44
N TYR D 122 21.22 32.40 -17.15
CA TYR D 122 22.20 31.50 -16.56
C TYR D 122 23.53 32.17 -16.24
N GLN D 123 23.70 33.46 -16.58
CA GLN D 123 24.90 34.20 -16.21
C GLN D 123 24.64 35.21 -15.11
N ILE D 124 23.39 35.48 -14.75
CA ILE D 124 23.13 36.41 -13.66
C ILE D 124 23.61 35.78 -12.35
N PRO D 125 24.43 36.47 -11.55
CA PRO D 125 24.90 35.84 -10.30
C PRO D 125 23.76 35.39 -9.40
N GLU D 126 22.70 36.18 -9.26
CA GLU D 126 21.61 35.81 -8.37
C GLU D 126 20.88 34.57 -8.89
N VAL D 127 20.66 34.50 -10.20
CA VAL D 127 20.05 33.29 -10.77
C VAL D 127 20.94 32.09 -10.51
N ARG D 128 22.25 32.26 -10.63
CA ARG D 128 23.17 31.14 -10.44
C ARG D 128 23.20 30.67 -8.99
N ARG D 129 23.03 31.59 -8.04
CA ARG D 129 23.01 31.18 -6.64
C ARG D 129 21.77 30.34 -6.34
N ARG D 130 20.69 30.55 -7.07
CA ARG D 130 19.47 29.77 -6.88
C ARG D 130 19.52 28.45 -7.63
N LEU D 131 20.11 28.43 -8.85
CA LEU D 131 20.21 27.19 -9.62
C LEU D 131 21.20 26.23 -9.03
N TYR D 132 22.23 26.75 -8.37
CA TYR D 132 23.33 25.92 -7.86
C TYR D 132 23.55 26.26 -6.38
N PRO D 133 22.57 25.94 -5.54
CA PRO D 133 22.58 26.46 -4.17
C PRO D 133 23.53 25.73 -3.25
N ILE D 134 24.17 26.49 -2.38
CA ILE D 134 24.87 25.93 -1.23
C ILE D 134 23.82 25.74 -0.14
N LEU D 135 23.61 24.51 0.28
CA LEU D 135 22.51 24.23 1.20
C LEU D 135 22.80 24.87 2.55
N PRO D 136 21.80 25.52 3.17
CA PRO D 136 22.03 26.18 4.46
C PRO D 136 22.31 25.20 5.59
N LYS D 137 23.05 25.65 6.60
CA LYS D 137 23.38 24.81 7.76
C LYS D 137 22.44 25.13 8.92
N THR D 138 21.13 25.07 8.63
CA THR D 138 20.12 25.43 9.61
C THR D 138 19.90 24.28 10.61
N ASN D 139 19.32 24.65 11.76
CA ASN D 139 19.05 23.66 12.80
C ASN D 139 18.16 22.56 12.26
N TYR D 140 17.23 22.90 11.36
CA TYR D 140 16.20 21.96 10.97
C TYR D 140 15.99 21.97 9.47
N ILE D 141 15.45 20.83 8.99
CA ILE D 141 15.05 20.63 7.60
C ILE D 141 13.64 20.03 7.56
N CYS D 142 12.93 20.31 6.47
CA CYS D 142 11.62 19.73 6.18
C CYS D 142 11.59 19.35 4.69
N PHE D 143 11.10 18.16 4.37
CA PHE D 143 10.97 17.75 2.97
C PHE D 143 9.62 17.13 2.73
N TYR D 144 8.98 17.50 1.62
CA TYR D 144 7.82 16.76 1.12
C TYR D 144 7.69 16.97 -0.37
N PRO D 145 7.12 16.01 -1.11
CA PRO D 145 6.81 16.24 -2.52
C PRO D 145 5.37 16.69 -2.73
N MET D 146 5.07 17.22 -3.91
CA MET D 146 3.69 17.62 -4.19
C MET D 146 3.39 17.57 -5.67
N ASP D 147 2.09 17.45 -5.96
CA ASP D 147 1.50 17.61 -7.27
C ASP D 147 0.57 18.82 -7.24
N LYS D 148 0.22 19.29 -8.43
CA LYS D 148 -0.87 20.24 -8.60
C LYS D 148 -2.06 19.55 -9.25
N ARG D 149 -3.24 19.79 -8.67
CA ARG D 149 -4.44 19.05 -8.95
C ARG D 149 -4.89 19.18 -10.40
N ARG D 150 -5.37 18.04 -10.94
CA ARG D 150 -5.98 17.97 -12.27
C ARG D 150 -7.33 17.24 -12.10
N GLN D 151 -8.34 17.94 -11.58
CA GLN D 151 -9.63 17.28 -11.30
C GLN D 151 -10.77 18.20 -11.71
N GLY D 152 -11.58 17.72 -12.65
CA GLY D 152 -12.71 18.51 -13.14
C GLY D 152 -12.31 19.95 -13.42
N ASN D 153 -13.05 20.90 -12.84
CA ASN D 153 -12.82 22.32 -13.07
C ASN D 153 -11.81 22.91 -12.10
N ASP D 154 -11.13 22.07 -11.32
CA ASP D 154 -9.95 22.46 -10.55
C ASP D 154 -8.78 21.74 -11.21
N ASN D 155 -8.36 22.24 -12.36
CA ASN D 155 -7.27 21.64 -13.13
C ASN D 155 -6.21 22.70 -13.39
N TRP D 156 -5.11 22.60 -12.64
CA TRP D 156 -4.02 23.58 -12.75
C TRP D 156 -3.48 23.68 -14.17
N TYR D 157 -3.32 22.54 -14.83
CA TYR D 157 -2.65 22.51 -16.13
C TYR D 157 -3.58 22.98 -17.25
N MET D 158 -4.87 23.14 -16.98
CA MET D 158 -5.81 23.71 -17.93
C MET D 158 -5.96 25.22 -17.79
N LEU D 159 -5.48 25.82 -16.70
CA LEU D 159 -5.51 27.26 -16.52
C LEU D 159 -4.59 27.94 -17.53
N SER D 160 -4.93 29.18 -17.88
CA SER D 160 -4.06 29.98 -18.74
C SER D 160 -2.78 30.36 -18.00
N MET D 161 -1.75 30.71 -18.78
CA MET D 161 -0.53 31.24 -18.18
C MET D 161 -0.83 32.42 -17.27
N GLU D 162 -1.74 33.29 -17.67
CA GLU D 162 -1.97 34.48 -16.86
C GLU D 162 -2.67 34.12 -15.56
N GLN D 163 -3.60 33.15 -15.60
CA GLN D 163 -4.26 32.69 -14.38
C GLN D 163 -3.25 32.07 -13.40
N ARG D 164 -2.36 31.23 -13.93
CA ARG D 164 -1.37 30.60 -13.06
C ARG D 164 -0.42 31.64 -12.46
N ARG D 165 0.03 32.61 -13.28
CA ARG D 165 0.83 33.70 -12.76
C ARG D 165 0.13 34.42 -11.61
N GLU D 166 -1.15 34.77 -11.74
CA GLU D 166 -1.81 35.50 -10.66
C GLU D 166 -1.90 34.66 -9.38
N LEU D 167 -2.23 33.37 -9.51
CA LEU D 167 -2.25 32.51 -8.32
C LEU D 167 -0.88 32.45 -7.65
N MET D 168 0.19 32.37 -8.45
CA MET D 168 1.53 32.30 -7.91
C MET D 168 1.98 33.63 -7.29
N ARG D 169 1.50 34.76 -7.83
CA ARG D 169 1.80 36.03 -7.17
C ARG D 169 1.29 36.02 -5.74
N ALA D 170 0.08 35.51 -5.52
CA ALA D 170 -0.43 35.50 -4.14
C ALA D 170 0.43 34.57 -3.26
N HIS D 171 0.77 33.40 -3.79
CA HIS D 171 1.67 32.47 -3.09
C HIS D 171 2.97 33.17 -2.66
N GLY D 172 3.61 33.88 -3.59
CA GLY D 172 4.85 34.57 -3.28
C GLY D 172 4.67 35.64 -2.22
N MET D 173 3.53 36.34 -2.24
CA MET D 173 3.24 37.29 -1.19
C MET D 173 3.25 36.62 0.19
N THR D 174 2.59 35.46 0.30
CA THR D 174 2.60 34.76 1.59
C THR D 174 4.01 34.30 1.97
N GLY D 175 4.76 33.78 1.00
CA GLY D 175 6.09 33.28 1.31
C GLY D 175 7.05 34.38 1.78
N ARG D 176 6.96 35.56 1.16
CA ARG D 176 7.89 36.63 1.50
C ARG D 176 7.75 37.07 2.95
N LYS D 177 6.60 36.84 3.56
CA LYS D 177 6.46 37.09 4.99
C LYS D 177 7.40 36.24 5.82
N TYR D 178 7.87 35.12 5.28
CA TYR D 178 8.75 34.21 6.02
C TYR D 178 10.20 34.37 5.61
N ALA D 179 10.50 35.46 4.90
CA ALA D 179 11.87 35.81 4.57
C ALA D 179 12.69 35.99 5.84
N GLY D 180 13.90 35.49 5.80
CA GLY D 180 14.76 35.51 6.95
C GLY D 180 14.45 34.47 7.99
N LYS D 181 13.32 33.77 7.89
CA LYS D 181 13.02 32.68 8.82
C LYS D 181 13.08 31.30 8.18
N VAL D 182 12.70 31.18 6.91
CA VAL D 182 12.66 29.90 6.21
C VAL D 182 13.20 30.11 4.80
N THR D 183 14.08 29.22 4.36
N THR D 183 14.05 29.19 4.37
CA THR D 183 14.53 29.27 2.96
CA THR D 183 14.61 29.14 3.03
C THR D 183 14.10 27.98 2.27
C THR D 183 14.03 27.93 2.30
N GLN D 184 13.43 28.15 1.14
CA GLN D 184 12.88 27.04 0.37
C GLN D 184 13.78 26.74 -0.81
N ILE D 185 13.93 25.47 -1.10
CA ILE D 185 14.54 25.00 -2.32
C ILE D 185 13.52 24.12 -3.02
N ILE D 186 13.01 24.59 -4.13
CA ILE D 186 12.02 23.88 -4.93
C ILE D 186 12.77 23.17 -6.04
N THR D 187 12.54 21.86 -6.17
CA THR D 187 13.05 21.07 -7.27
C THR D 187 11.88 20.53 -8.09
N GLY D 188 12.11 20.37 -9.39
CA GLY D 188 11.10 19.83 -10.28
C GLY D 188 11.41 18.36 -10.55
N SER D 189 10.36 17.55 -10.58
CA SER D 189 10.54 16.12 -10.75
C SER D 189 9.59 15.51 -11.77
N VAL D 190 8.81 16.30 -12.51
CA VAL D 190 8.04 15.73 -13.60
C VAL D 190 8.99 15.02 -14.56
N GLY D 191 8.69 13.76 -14.86
CA GLY D 191 9.55 12.90 -15.68
C GLY D 191 10.69 12.25 -14.93
N LEU D 192 10.86 12.55 -13.65
CA LEU D 192 12.01 12.04 -12.89
C LEU D 192 11.64 11.24 -11.65
N ASP D 193 10.51 11.53 -11.02
CA ASP D 193 10.08 10.79 -9.83
C ASP D 193 8.55 10.85 -9.80
N ASP D 194 7.95 10.45 -8.66
CA ASP D 194 6.53 10.11 -8.65
C ASP D 194 5.61 11.32 -8.49
N PHE D 195 6.09 12.44 -7.94
CA PHE D 195 5.33 13.68 -7.85
C PHE D 195 5.94 14.69 -8.83
N GLU D 196 5.39 15.90 -8.82
CA GLU D 196 5.76 16.95 -9.77
C GLU D 196 6.83 17.89 -9.24
N TRP D 197 6.86 18.12 -7.93
CA TRP D 197 7.91 18.93 -7.30
C TRP D 197 8.36 18.33 -5.97
N GLY D 198 9.62 18.59 -5.63
CA GLY D 198 10.10 18.42 -4.28
C GLY D 198 10.22 19.76 -3.59
N VAL D 199 9.78 19.80 -2.33
CA VAL D 199 9.86 20.99 -1.51
C VAL D 199 10.77 20.70 -0.33
N THR D 200 11.88 21.43 -0.24
CA THR D 200 12.76 21.35 0.91
C THR D 200 12.80 22.71 1.59
N LEU D 201 12.54 22.73 2.90
CA LEU D 201 12.58 23.93 3.70
C LEU D 201 13.71 23.83 4.72
N PHE D 202 14.40 24.95 4.94
CA PHE D 202 15.46 25.07 5.92
C PHE D 202 15.11 26.18 6.90
N SER D 203 15.21 25.89 8.19
CA SER D 203 14.95 26.94 9.17
C SER D 203 15.64 26.60 10.48
N ASP D 204 15.99 27.64 11.21
CA ASP D 204 16.50 27.47 12.57
C ASP D 204 15.39 27.31 13.60
N ASP D 205 14.12 27.37 13.17
CA ASP D 205 12.98 27.18 14.05
C ASP D 205 12.00 26.25 13.35
N ALA D 206 11.91 25.00 13.85
CA ALA D 206 11.06 24.00 13.18
C ALA D 206 9.60 24.44 13.13
N LEU D 207 9.15 25.24 14.10
CA LEU D 207 7.77 25.71 14.11
C LEU D 207 7.45 26.51 12.86
N GLN D 208 8.45 27.16 12.26
CA GLN D 208 8.19 27.97 11.08
C GLN D 208 7.75 27.11 9.91
N PHE D 209 8.19 25.85 9.86
CA PHE D 209 7.67 24.92 8.86
C PHE D 209 6.15 24.84 8.95
N LYS D 210 5.65 24.64 10.18
CA LYS D 210 4.21 24.56 10.40
C LYS D 210 3.52 25.89 10.09
N LYS D 211 4.09 27.00 10.57
CA LYS D 211 3.45 28.30 10.37
C LYS D 211 3.32 28.61 8.88
N LEU D 212 4.39 28.40 8.12
CA LEU D 212 4.43 28.74 6.71
C LEU D 212 3.49 27.84 5.90
N VAL D 213 3.65 26.53 6.06
CA VAL D 213 2.90 25.58 5.22
C VAL D 213 1.41 25.71 5.52
N TYR D 214 1.07 25.87 6.80
CA TYR D 214 -0.33 26.06 7.18
C TYR D 214 -0.89 27.37 6.67
N GLU D 215 -0.14 28.48 6.79
CA GLU D 215 -0.65 29.74 6.27
C GLU D 215 -0.83 29.66 4.75
N MET D 216 0.10 29.04 4.06
CA MET D 216 0.02 28.91 2.60
C MET D 216 -1.16 28.03 2.18
N ARG D 217 -1.60 27.11 3.05
CA ARG D 217 -2.73 26.27 2.68
C ARG D 217 -4.03 27.06 2.48
N PHE D 218 -4.12 28.30 2.98
CA PHE D 218 -5.26 29.16 2.73
C PHE D 218 -5.10 30.02 1.48
N ASP D 219 -3.90 30.05 0.86
CA ASP D 219 -3.77 30.65 -0.47
C ASP D 219 -4.53 29.78 -1.47
N GLU D 220 -5.18 30.40 -2.45
CA GLU D 220 -6.01 29.63 -3.38
C GLU D 220 -5.19 28.57 -4.13
N VAL D 221 -3.94 28.87 -4.52
CA VAL D 221 -3.18 27.87 -5.27
C VAL D 221 -2.99 26.59 -4.46
N SER D 222 -2.68 26.72 -3.17
CA SER D 222 -2.50 25.53 -2.33
C SER D 222 -3.84 24.91 -1.93
N ALA D 223 -4.81 25.75 -1.54
CA ALA D 223 -6.11 25.27 -1.09
C ALA D 223 -6.80 24.46 -2.18
N ARG D 224 -6.83 25.01 -3.40
CA ARG D 224 -7.55 24.39 -4.52
C ARG D 224 -6.73 23.39 -5.30
N PHE D 225 -5.40 23.54 -5.37
CA PHE D 225 -4.64 22.69 -6.25
C PHE D 225 -3.56 21.85 -5.57
N GLY D 226 -3.27 22.07 -4.30
CA GLY D 226 -2.16 21.37 -3.67
C GLY D 226 -2.50 19.91 -3.41
N GLU D 227 -1.60 19.00 -3.80
CA GLU D 227 -1.68 17.58 -3.43
C GLU D 227 -0.33 17.17 -2.84
N PHE D 228 -0.33 16.72 -1.60
CA PHE D 228 0.90 16.56 -0.84
C PHE D 228 1.22 15.11 -0.53
N GLY D 229 2.50 14.78 -0.56
CA GLY D 229 2.99 13.50 -0.12
C GLY D 229 3.34 13.50 1.36
N SER D 230 4.31 12.65 1.71
CA SER D 230 4.73 12.51 3.10
C SER D 230 5.68 13.64 3.47
N PHE D 231 5.65 14.04 4.74
CA PHE D 231 6.45 15.12 5.30
C PHE D 231 7.51 14.53 6.22
N PHE D 232 8.77 14.92 6.00
CA PHE D 232 9.91 14.46 6.78
C PHE D 232 10.57 15.68 7.43
N VAL D 233 10.78 15.63 8.74
N VAL D 233 10.76 15.63 8.74
CA VAL D 233 11.36 16.76 9.47
CA VAL D 233 11.39 16.73 9.45
C VAL D 233 12.54 16.25 10.28
C VAL D 233 12.62 16.18 10.16
N GLY D 234 13.64 17.02 10.28
CA GLY D 234 14.86 16.59 10.93
C GLY D 234 15.69 17.71 11.51
N THR D 235 16.71 17.27 12.25
CA THR D 235 17.67 18.12 12.95
C THR D 235 19.04 17.89 12.34
N ARG D 236 19.82 18.96 12.23
N ARG D 236 19.83 18.97 12.25
CA ARG D 236 21.10 18.88 11.53
CA ARG D 236 21.10 18.89 11.55
C ARG D 236 22.04 17.94 12.27
C ARG D 236 22.03 17.93 12.28
N LEU D 237 22.80 17.16 11.51
CA LEU D 237 23.80 16.24 12.05
C LEU D 237 25.17 16.76 11.67
N PRO D 238 25.83 17.56 12.51
CA PRO D 238 27.21 17.97 12.20
C PRO D 238 28.10 16.74 12.14
N MET D 239 29.05 16.75 11.20
CA MET D 239 29.91 15.60 11.05
C MET D 239 30.70 15.31 12.34
N GLU D 240 31.01 16.35 13.12
CA GLU D 240 31.71 16.17 14.38
C GLU D 240 30.86 15.44 15.42
N ASN D 241 29.56 15.25 15.17
CA ASN D 241 28.68 14.53 16.07
C ASN D 241 28.38 13.10 15.58
N VAL D 242 28.83 12.72 14.38
CA VAL D 242 28.48 11.42 13.83
C VAL D 242 28.95 10.30 14.77
N SER D 243 30.21 10.34 15.18
CA SER D 243 30.73 9.30 16.06
C SER D 243 29.88 9.16 17.30
N SER D 244 29.52 10.30 17.91
CA SER D 244 28.71 10.23 19.12
C SER D 244 27.33 9.67 18.81
N PHE D 245 26.76 10.04 17.66
CA PHE D 245 25.41 9.60 17.34
C PHE D 245 25.35 8.09 17.16
N PHE D 246 26.37 7.52 16.51
CA PHE D 246 26.37 6.09 16.25
C PHE D 246 27.02 5.29 17.37
N HIS D 247 27.36 5.94 18.47
CA HIS D 247 27.99 5.24 19.57
C HIS D 247 27.01 4.31 20.28
N VAL D 248 27.41 3.06 20.44
CA VAL D 248 26.69 2.08 21.23
C VAL D 248 27.75 1.33 22.04
N SER E 2 -8.91 33.18 1.44
CA SER E 2 -9.57 33.44 2.72
C SER E 2 -8.56 33.62 3.86
N GLU E 3 -9.03 34.11 4.99
CA GLU E 3 -8.16 34.47 6.12
C GLU E 3 -7.62 33.21 6.81
N ALA E 4 -6.31 33.10 6.89
CA ALA E 4 -5.71 31.92 7.52
C ALA E 4 -5.96 31.92 9.01
N ALA E 5 -6.20 30.74 9.57
CA ALA E 5 -6.30 30.63 11.03
C ALA E 5 -4.94 30.94 11.66
N GLN E 6 -4.97 31.46 12.89
CA GLN E 6 -3.76 31.70 13.65
C GLN E 6 -3.73 30.79 14.87
N THR E 7 -2.51 30.40 15.27
CA THR E 7 -2.34 29.43 16.34
C THR E 7 -1.36 29.92 17.39
N LEU E 8 -1.62 29.47 18.62
CA LEU E 8 -0.64 29.42 19.70
C LEU E 8 -0.12 27.99 19.74
N ASP E 9 1.18 27.83 19.94
CA ASP E 9 1.80 26.53 19.85
C ASP E 9 2.59 26.19 21.10
N GLY E 10 2.45 24.96 21.58
CA GLY E 10 3.13 24.53 22.78
C GLY E 10 4.19 23.48 22.53
N TRP E 11 4.22 22.44 23.36
CA TRP E 11 5.25 21.43 23.27
C TRP E 11 5.12 20.62 21.99
N TYR E 12 6.27 20.20 21.47
CA TYR E 12 6.34 19.17 20.44
C TYR E 12 5.91 17.83 21.03
N CYS E 13 5.36 16.98 20.16
CA CYS E 13 4.77 15.72 20.55
C CYS E 13 5.23 14.62 19.60
N LEU E 14 5.67 13.50 20.19
CA LEU E 14 5.99 12.27 19.46
C LEU E 14 5.04 11.18 19.94
N HIS E 15 4.32 10.57 19.01
CA HIS E 15 3.61 9.31 19.25
C HIS E 15 4.48 8.24 18.62
N ASP E 16 5.04 7.36 19.45
CA ASP E 16 5.94 6.31 19.00
C ASP E 16 5.27 4.97 19.29
N PHE E 17 4.83 4.28 18.23
CA PHE E 17 4.14 3.00 18.33
C PHE E 17 5.07 1.86 17.90
N ARG E 18 5.06 0.80 18.71
CA ARG E 18 5.88 -0.37 18.49
C ARG E 18 5.07 -1.65 18.63
N THR E 19 5.52 -2.70 17.93
N THR E 19 5.54 -2.68 17.92
CA THR E 19 5.00 -4.04 18.11
CA THR E 19 5.08 -4.06 18.02
C THR E 19 6.08 -4.90 18.77
C THR E 19 6.11 -4.87 18.79
N ILE E 20 5.67 -5.73 19.70
CA ILE E 20 6.60 -6.51 20.51
C ILE E 20 6.97 -7.81 19.79
N ASP E 21 8.28 -8.06 19.67
CA ASP E 21 8.81 -9.27 19.03
C ASP E 21 8.88 -10.35 20.12
N TRP E 22 7.72 -10.94 20.42
CA TRP E 22 7.67 -11.91 21.51
C TRP E 22 8.55 -13.12 21.25
N SER E 23 8.54 -13.63 20.01
CA SER E 23 9.30 -14.86 19.74
C SER E 23 10.79 -14.66 19.97
N ALA E 24 11.33 -13.49 19.60
CA ALA E 24 12.74 -13.23 19.87
C ALA E 24 12.99 -12.96 21.35
N TRP E 25 12.07 -12.25 22.00
CA TRP E 25 12.22 -11.97 23.43
C TRP E 25 12.33 -13.26 24.23
N LYS E 26 11.56 -14.29 23.83
CA LYS E 26 11.55 -15.57 24.54
C LYS E 26 12.89 -16.27 24.49
N THR E 27 13.69 -16.04 23.45
CA THR E 27 14.99 -16.69 23.33
C THR E 27 16.09 -15.97 24.10
N LEU E 28 15.85 -14.76 24.57
CA LEU E 28 16.85 -14.02 25.33
C LEU E 28 16.93 -14.56 26.75
N PRO E 29 18.12 -14.84 27.27
CA PRO E 29 18.23 -15.39 28.63
C PRO E 29 17.54 -14.52 29.68
N ASN E 30 16.99 -15.19 30.69
CA ASN E 30 16.20 -14.52 31.71
C ASN E 30 16.93 -13.31 32.31
N GLU E 31 18.20 -13.47 32.71
CA GLU E 31 18.85 -12.34 33.37
C GLU E 31 19.05 -11.18 32.42
N GLU E 32 19.21 -11.46 31.12
CA GLU E 32 19.32 -10.40 30.13
C GLU E 32 17.97 -9.69 29.91
N ARG E 33 16.86 -10.44 29.95
CA ARG E 33 15.54 -9.80 29.93
C ARG E 33 15.36 -8.93 31.16
N GLU E 34 15.78 -9.42 32.34
CA GLU E 34 15.62 -8.63 33.54
C GLU E 34 16.43 -7.35 33.46
N ALA E 35 17.66 -7.45 32.95
CA ALA E 35 18.49 -6.28 32.79
C ALA E 35 17.86 -5.30 31.78
N ALA E 36 17.28 -5.83 30.71
CA ALA E 36 16.65 -4.97 29.71
C ALA E 36 15.48 -4.21 30.31
N ILE E 37 14.65 -4.87 31.11
CA ILE E 37 13.54 -4.18 31.76
C ILE E 37 14.07 -3.13 32.72
N SER E 38 15.12 -3.45 33.50
CA SER E 38 15.66 -2.43 34.42
C SER E 38 16.20 -1.21 33.67
N GLU E 39 16.87 -1.44 32.55
CA GLU E 39 17.42 -0.33 31.76
C GLU E 39 16.31 0.55 31.20
N PHE E 40 15.26 -0.08 30.69
CA PHE E 40 14.09 0.67 30.20
C PHE E 40 13.45 1.49 31.31
N LEU E 41 13.24 0.88 32.49
CA LEU E 41 12.61 1.62 33.58
C LEU E 41 13.50 2.77 34.07
N ALA E 42 14.82 2.63 33.99
CA ALA E 42 15.68 3.75 34.36
C ALA E 42 15.51 4.90 33.37
N LEU E 43 15.40 4.57 32.07
CA LEU E 43 15.10 5.60 31.07
C LEU E 43 13.78 6.32 31.40
N VAL E 44 12.72 5.55 31.67
CA VAL E 44 11.45 6.18 32.01
C VAL E 44 11.59 7.03 33.27
N ASP E 45 12.46 6.62 34.18
N ASP E 45 12.46 6.61 34.20
CA ASP E 45 12.63 7.44 35.37
CA ASP E 45 12.69 7.42 35.38
C ASP E 45 13.23 8.80 35.02
C ASP E 45 13.22 8.79 35.02
N GLN E 46 14.10 8.86 34.02
CA GLN E 46 14.54 10.17 33.52
C GLN E 46 13.37 10.96 32.95
N TRP E 47 12.48 10.30 32.20
CA TRP E 47 11.29 11.01 31.71
C TRP E 47 10.45 11.55 32.86
N GLU E 48 10.25 10.74 33.91
CA GLU E 48 9.46 11.19 35.05
C GLU E 48 10.11 12.37 35.74
N THR E 49 11.44 12.37 35.85
CA THR E 49 12.11 13.55 36.40
C THR E 49 11.84 14.78 35.54
N THR E 50 11.98 14.65 34.23
CA THR E 50 11.67 15.79 33.36
C THR E 50 10.24 16.28 33.57
N GLU E 51 9.27 15.37 33.71
CA GLU E 51 7.88 15.78 33.89
C GLU E 51 7.69 16.47 35.24
N SER E 52 8.27 15.93 36.29
CA SER E 52 8.12 16.55 37.60
C SER E 52 8.69 17.96 37.61
N GLU E 53 9.73 18.21 36.81
CA GLU E 53 10.28 19.54 36.64
C GLU E 53 9.48 20.41 35.67
N LYS E 54 8.33 19.93 35.20
CA LYS E 54 7.47 20.70 34.29
C LYS E 54 8.21 21.09 33.01
N GLN E 55 9.08 20.21 32.54
CA GLN E 55 9.81 20.42 31.29
C GLN E 55 9.40 19.41 30.22
N GLY E 56 8.25 18.76 30.38
CA GLY E 56 7.78 17.79 29.41
C GLY E 56 6.75 16.90 30.08
N SER E 57 6.27 15.93 29.31
CA SER E 57 5.29 14.98 29.83
C SER E 57 5.36 13.73 28.97
N HIS E 58 4.81 12.63 29.47
CA HIS E 58 4.81 11.39 28.69
C HIS E 58 3.70 10.49 29.19
N ALA E 59 3.40 9.48 28.37
CA ALA E 59 2.40 8.48 28.72
C ALA E 59 2.78 7.19 27.99
N VAL E 60 2.46 6.07 28.62
CA VAL E 60 2.76 4.74 28.07
C VAL E 60 1.49 3.91 28.12
N TYR E 61 1.08 3.37 26.97
CA TYR E 61 -0.15 2.60 26.87
C TYR E 61 0.12 1.33 26.05
N THR E 62 -0.51 0.23 26.39
CA THR E 62 -0.48 -0.95 25.52
C THR E 62 -1.64 -0.88 24.53
N ILE E 63 -1.37 -1.22 23.26
CA ILE E 63 -2.35 -1.04 22.20
C ILE E 63 -2.97 -2.39 21.86
N VAL E 64 -4.29 -2.38 21.67
CA VAL E 64 -5.07 -3.57 21.36
C VAL E 64 -5.09 -3.77 19.85
N GLY E 65 -5.05 -5.04 19.45
CA GLY E 65 -4.99 -5.39 18.04
C GLY E 65 -3.56 -5.49 17.54
N GLN E 66 -3.43 -5.69 16.22
CA GLN E 66 -2.13 -5.94 15.60
C GLN E 66 -1.45 -4.70 15.04
N LYS E 67 -2.12 -3.55 15.02
CA LYS E 67 -1.48 -2.34 14.46
C LYS E 67 -0.30 -1.90 15.30
N ALA E 68 -0.36 -2.12 16.61
CA ALA E 68 0.73 -1.82 17.51
C ALA E 68 0.46 -2.57 18.81
N ASP E 69 1.51 -2.69 19.63
CA ASP E 69 1.37 -3.26 20.96
C ASP E 69 1.65 -2.28 22.09
N ILE E 70 2.43 -1.24 21.84
CA ILE E 70 2.75 -0.26 22.88
C ILE E 70 2.94 1.10 22.24
N LEU E 71 2.53 2.14 22.97
CA LEU E 71 2.63 3.54 22.60
C LEU E 71 3.39 4.30 23.67
N PHE E 72 4.44 5.01 23.24
CA PHE E 72 5.09 6.04 24.05
C PHE E 72 4.71 7.40 23.47
N MET E 73 3.97 8.20 24.23
CA MET E 73 3.62 9.56 23.83
C MET E 73 4.46 10.51 24.66
N ILE E 74 5.24 11.35 23.99
CA ILE E 74 6.28 12.16 24.63
C ILE E 74 6.10 13.62 24.21
N LEU E 75 5.99 14.52 25.18
CA LEU E 75 5.93 15.95 24.93
C LEU E 75 7.20 16.63 25.44
N ARG E 76 7.83 17.43 24.59
CA ARG E 76 9.06 18.14 24.94
C ARG E 76 9.07 19.53 24.29
N PRO E 77 9.84 20.47 24.86
CA PRO E 77 9.89 21.84 24.30
C PRO E 77 10.61 21.96 22.96
N THR E 78 11.48 21.04 22.58
CA THR E 78 12.20 21.18 21.32
C THR E 78 12.11 19.88 20.54
N LEU E 79 12.23 20.02 19.21
CA LEU E 79 12.28 18.85 18.35
C LEU E 79 13.55 18.04 18.62
N ASP E 80 14.65 18.72 18.93
CA ASP E 80 15.90 18.02 19.26
C ASP E 80 15.71 17.07 20.43
N GLU E 81 14.96 17.51 21.45
CA GLU E 81 14.72 16.63 22.59
C GLU E 81 13.95 15.38 22.18
N LEU E 82 12.98 15.51 21.25
CA LEU E 82 12.31 14.31 20.75
C LEU E 82 13.29 13.41 20.03
N HIS E 83 14.12 13.97 19.15
CA HIS E 83 15.13 13.16 18.50
C HIS E 83 16.01 12.45 19.54
N GLU E 84 16.37 13.14 20.62
CA GLU E 84 17.29 12.52 21.57
C GLU E 84 16.61 11.39 22.35
N ILE E 85 15.35 11.61 22.75
CA ILE E 85 14.63 10.56 23.45
C ILE E 85 14.45 9.34 22.54
N GLU E 86 14.11 9.58 21.27
CA GLU E 86 13.94 8.47 20.33
C GLU E 86 15.25 7.69 20.17
N THR E 87 16.37 8.40 20.05
CA THR E 87 17.65 7.73 19.88
C THR E 87 18.04 6.94 21.12
N ALA E 88 17.83 7.53 22.31
CA ALA E 88 18.17 6.85 23.56
C ALA E 88 17.33 5.59 23.74
N LEU E 89 16.04 5.66 23.41
CA LEU E 89 15.19 4.49 23.48
C LEU E 89 15.66 3.41 22.52
N ASN E 90 16.01 3.79 21.29
CA ASN E 90 16.43 2.77 20.33
C ASN E 90 17.76 2.14 20.70
N LYS E 91 18.56 2.79 21.53
CA LYS E 91 19.81 2.23 21.99
C LYS E 91 19.66 1.34 23.23
N THR E 92 18.46 1.21 23.80
CA THR E 92 18.27 0.23 24.86
C THR E 92 18.19 -1.17 24.26
N LYS E 93 18.44 -2.18 25.12
CA LYS E 93 18.31 -3.56 24.69
C LYS E 93 16.85 -3.91 24.40
N LEU E 94 15.93 -3.43 25.23
CA LEU E 94 14.53 -3.75 25.03
C LEU E 94 14.05 -3.30 23.66
N ALA E 95 14.55 -2.16 23.18
CA ALA E 95 14.07 -1.65 21.89
C ALA E 95 14.38 -2.60 20.74
N ASP E 96 15.38 -3.48 20.88
CA ASP E 96 15.62 -4.47 19.83
C ASP E 96 14.41 -5.36 19.62
N TYR E 97 13.52 -5.43 20.61
CA TYR E 97 12.31 -6.24 20.55
C TYR E 97 11.08 -5.36 20.40
N LEU E 98 11.25 -4.06 20.23
CA LEU E 98 10.15 -3.12 20.01
C LEU E 98 10.27 -2.66 18.56
N LEU E 99 9.57 -3.37 17.67
CA LEU E 99 9.71 -3.16 16.25
C LEU E 99 8.88 -1.97 15.82
N PRO E 100 9.34 -1.19 14.84
CA PRO E 100 8.55 -0.03 14.39
C PRO E 100 7.17 -0.45 13.90
N ALA E 101 6.17 0.35 14.26
CA ALA E 101 4.79 0.09 13.84
C ALA E 101 4.18 1.35 13.22
N TYR E 102 4.31 2.48 13.91
CA TYR E 102 3.75 3.74 13.40
C TYR E 102 4.30 4.85 14.27
N SER E 103 4.31 6.08 13.74
CA SER E 103 4.80 7.19 14.53
C SER E 103 4.11 8.47 14.05
N TYR E 104 4.13 9.50 14.90
CA TYR E 104 3.51 10.76 14.56
C TYR E 104 4.28 11.88 15.25
N VAL E 105 4.55 12.95 14.49
CA VAL E 105 5.28 14.13 14.97
C VAL E 105 4.38 15.34 14.82
N SER E 106 4.17 16.09 15.92
CA SER E 106 3.22 17.20 15.90
C SER E 106 3.58 18.20 17.00
N VAL E 107 2.76 19.26 17.14
N VAL E 107 2.76 19.27 17.12
CA VAL E 107 2.97 20.24 18.19
CA VAL E 107 2.93 20.29 18.15
C VAL E 107 1.63 20.68 18.76
C VAL E 107 1.58 20.63 18.77
N VAL E 108 1.54 20.75 20.10
CA VAL E 108 0.31 21.17 20.73
C VAL E 108 -0.10 22.54 20.18
N GLU E 109 -1.37 22.67 19.82
CA GLU E 109 -1.88 23.80 19.07
C GLU E 109 -3.21 24.26 19.64
N LEU E 110 -3.37 25.58 19.77
CA LEU E 110 -4.66 26.21 20.05
C LEU E 110 -4.94 27.23 18.95
N SER E 111 -6.16 27.29 18.46
CA SER E 111 -6.47 28.18 17.35
C SER E 111 -7.20 29.42 17.82
N ASN E 112 -7.42 30.35 16.89
CA ASN E 112 -8.12 31.59 17.20
C ASN E 112 -9.57 31.57 16.72
N TYR E 113 -10.13 30.38 16.48
CA TYR E 113 -11.52 30.31 16.04
C TYR E 113 -12.47 30.73 17.16
N LEU E 114 -12.25 30.20 18.36
CA LEU E 114 -13.17 30.43 19.47
C LEU E 114 -12.45 31.11 20.64
N ILE E 124 -1.84 33.62 30.64
CA ILE E 124 -2.87 33.11 31.55
C ILE E 124 -2.58 31.64 31.88
N PRO E 125 -2.66 31.28 33.18
CA PRO E 125 -2.34 29.90 33.57
C PRO E 125 -3.12 28.84 32.81
N GLU E 126 -4.40 29.08 32.52
CA GLU E 126 -5.21 28.04 31.87
C GLU E 126 -4.71 27.76 30.46
N VAL E 127 -4.37 28.81 29.71
CA VAL E 127 -3.82 28.59 28.37
C VAL E 127 -2.52 27.80 28.44
N ARG E 128 -1.66 28.11 29.42
CA ARG E 128 -0.41 27.37 29.51
C ARG E 128 -0.64 25.94 29.98
N ARG E 129 -1.70 25.69 30.74
CA ARG E 129 -1.99 24.30 31.09
C ARG E 129 -2.43 23.49 29.88
N ARG E 130 -2.94 24.15 28.84
CA ARG E 130 -3.28 23.46 27.60
C ARG E 130 -2.10 23.37 26.65
N LEU E 131 -1.25 24.41 26.59
CA LEU E 131 -0.10 24.38 25.70
C LEU E 131 0.96 23.38 26.16
N TYR E 132 1.09 23.18 27.46
CA TYR E 132 2.13 22.35 28.04
C TYR E 132 1.45 21.35 28.98
N PRO E 133 0.68 20.42 28.42
CA PRO E 133 -0.21 19.60 29.24
C PRO E 133 0.53 18.46 29.95
N ILE E 134 0.11 18.22 31.18
CA ILE E 134 0.47 17.00 31.88
C ILE E 134 -0.51 15.92 31.44
N LEU E 135 -0.01 14.89 30.80
CA LEU E 135 -0.91 13.89 30.23
C LEU E 135 -1.65 13.15 31.34
N PRO E 136 -2.95 12.97 31.21
CA PRO E 136 -3.73 12.32 32.27
C PRO E 136 -3.42 10.84 32.38
N LYS E 137 -3.60 10.31 33.58
CA LYS E 137 -3.38 8.89 33.85
C LYS E 137 -4.68 8.11 33.74
N THR E 138 -5.38 8.25 32.61
CA THR E 138 -6.66 7.60 32.42
C THR E 138 -6.48 6.13 32.07
N ASN E 139 -7.55 5.35 32.27
CA ASN E 139 -7.51 3.92 31.96
C ASN E 139 -7.18 3.68 30.49
N TYR E 140 -7.68 4.53 29.60
CA TYR E 140 -7.59 4.27 28.17
C TYR E 140 -7.12 5.51 27.41
N ILE E 141 -6.54 5.25 26.24
CA ILE E 141 -6.13 6.27 25.28
C ILE E 141 -6.64 5.92 23.89
N CYS E 142 -6.83 6.94 23.05
CA CYS E 142 -7.18 6.78 21.63
C CYS E 142 -6.39 7.80 20.83
N PHE E 143 -5.81 7.38 19.70
CA PHE E 143 -5.09 8.30 18.85
C PHE E 143 -5.47 8.07 17.39
N TYR E 144 -5.66 9.17 16.66
CA TYR E 144 -5.75 9.10 15.21
C TYR E 144 -5.37 10.45 14.62
N PRO E 145 -4.82 10.46 13.37
CA PRO E 145 -4.58 11.73 12.69
C PRO E 145 -5.73 12.08 11.76
N MET E 146 -5.81 13.33 11.33
CA MET E 146 -6.85 13.72 10.39
C MET E 146 -6.41 14.91 9.56
N ASP E 147 -7.06 15.05 8.40
CA ASP E 147 -7.02 16.21 7.53
C ASP E 147 -8.40 16.84 7.48
N LYS E 148 -8.45 18.08 7.03
CA LYS E 148 -9.72 18.68 6.61
C LYS E 148 -9.76 18.77 5.10
N ARG E 149 -10.90 18.36 4.55
CA ARG E 149 -11.03 18.06 3.13
C ARG E 149 -10.89 19.31 2.26
N ARG E 150 -10.27 19.11 1.09
CA ARG E 150 -10.13 20.08 0.01
C ARG E 150 -10.53 19.33 -1.26
N GLN E 151 -11.82 19.15 -1.49
CA GLN E 151 -12.29 18.30 -2.59
C GLN E 151 -13.62 18.81 -3.06
N GLY E 152 -13.72 19.12 -4.35
CA GLY E 152 -15.01 19.51 -4.91
C GLY E 152 -15.60 20.69 -4.18
N ASN E 153 -16.86 20.56 -3.78
CA ASN E 153 -17.57 21.59 -3.03
C ASN E 153 -17.28 21.57 -1.53
N ASP E 154 -16.44 20.66 -1.06
CA ASP E 154 -16.14 20.55 0.35
C ASP E 154 -14.68 20.95 0.53
N ASN E 155 -14.40 22.27 0.55
CA ASN E 155 -13.02 22.74 0.71
C ASN E 155 -12.95 23.65 1.93
N TRP E 156 -12.46 23.07 3.02
CA TRP E 156 -12.37 23.79 4.28
C TRP E 156 -11.55 25.05 4.13
N TYR E 157 -10.43 24.96 3.41
CA TYR E 157 -9.47 26.05 3.40
C TYR E 157 -9.93 27.23 2.56
N MET E 158 -10.91 27.04 1.69
N MET E 158 -10.89 27.03 1.66
CA MET E 158 -11.46 28.15 0.92
CA MET E 158 -11.47 28.13 0.90
C MET E 158 -12.70 28.78 1.57
C MET E 158 -12.67 28.79 1.58
N LEU E 159 -13.25 28.15 2.61
CA LEU E 159 -14.32 28.79 3.38
C LEU E 159 -13.80 30.08 4.03
N SER E 160 -14.70 31.01 4.27
CA SER E 160 -14.33 32.22 5.00
C SER E 160 -14.01 31.90 6.45
N MET E 161 -13.27 32.81 7.09
CA MET E 161 -13.02 32.71 8.52
C MET E 161 -14.31 32.59 9.30
N GLU E 162 -15.32 33.40 8.97
CA GLU E 162 -16.57 33.37 9.72
C GLU E 162 -17.32 32.04 9.50
N GLN E 163 -17.30 31.53 8.26
CA GLN E 163 -17.89 30.23 7.98
C GLN E 163 -17.24 29.13 8.83
N ARG E 164 -15.91 29.18 8.90
CA ARG E 164 -15.19 28.18 9.71
C ARG E 164 -15.48 28.34 11.20
N ARG E 165 -15.52 29.58 11.70
CA ARG E 165 -15.90 29.82 13.09
C ARG E 165 -17.27 29.25 13.42
N GLU E 166 -18.25 29.44 12.55
CA GLU E 166 -19.57 28.90 12.84
C GLU E 166 -19.53 27.36 12.93
N LEU E 167 -18.86 26.73 11.95
CA LEU E 167 -18.75 25.28 11.98
C LEU E 167 -18.05 24.79 13.26
N MET E 168 -17.01 25.52 13.71
CA MET E 168 -16.29 25.12 14.92
C MET E 168 -17.11 25.37 16.19
N ARG E 169 -17.95 26.40 16.19
CA ARG E 169 -18.84 26.60 17.32
C ARG E 169 -19.72 25.38 17.55
N ALA E 170 -20.27 24.82 16.47
CA ALA E 170 -21.10 23.64 16.62
C ALA E 170 -20.28 22.45 17.14
N HIS E 171 -19.08 22.27 16.59
CA HIS E 171 -18.16 21.24 17.11
C HIS E 171 -17.93 21.37 18.61
N GLY E 172 -17.63 22.58 19.05
CA GLY E 172 -17.36 22.80 20.47
C GLY E 172 -18.56 22.49 21.33
N MET E 173 -19.76 22.81 20.83
CA MET E 173 -20.98 22.49 21.58
C MET E 173 -21.13 20.99 21.76
N THR E 174 -20.86 20.20 20.71
CA THR E 174 -20.92 18.75 20.89
C THR E 174 -19.84 18.27 21.85
N GLY E 175 -18.62 18.79 21.73
CA GLY E 175 -17.54 18.37 22.61
C GLY E 175 -17.82 18.64 24.08
N ARG E 176 -18.46 19.78 24.38
CA ARG E 176 -18.69 20.11 25.79
C ARG E 176 -19.60 19.10 26.49
N LYS E 177 -20.44 18.39 25.74
CA LYS E 177 -21.26 17.36 26.35
C LYS E 177 -20.40 16.25 26.95
N TYR E 178 -19.15 16.12 26.51
CA TYR E 178 -18.29 15.06 26.99
C TYR E 178 -17.30 15.55 28.03
N ALA E 179 -17.55 16.74 28.57
CA ALA E 179 -16.76 17.28 29.67
C ALA E 179 -16.81 16.35 30.88
N GLY E 180 -15.65 16.12 31.47
CA GLY E 180 -15.54 15.21 32.58
C GLY E 180 -15.51 13.75 32.19
N LYS E 181 -15.76 13.41 30.93
CA LYS E 181 -15.64 12.04 30.47
C LYS E 181 -14.45 11.81 29.55
N VAL E 182 -14.10 12.78 28.70
CA VAL E 182 -13.02 12.64 27.74
C VAL E 182 -12.18 13.91 27.72
N THR E 183 -10.87 13.75 27.77
CA THR E 183 -9.92 14.85 27.61
C THR E 183 -9.27 14.74 26.23
N GLN E 184 -9.40 15.78 25.41
CA GLN E 184 -8.75 15.78 24.11
C GLN E 184 -7.48 16.61 24.15
N ILE E 185 -6.44 16.15 23.46
CA ILE E 185 -5.25 16.92 23.20
C ILE E 185 -5.08 16.94 21.69
N ILE E 186 -5.28 18.11 21.09
CA ILE E 186 -5.14 18.31 19.66
C ILE E 186 -3.76 18.87 19.39
N THR E 187 -3.03 18.22 18.50
CA THR E 187 -1.75 18.70 18.03
C THR E 187 -1.84 19.00 16.54
N GLY E 188 -1.09 20.00 16.09
CA GLY E 188 -1.05 20.35 14.68
C GLY E 188 0.20 19.78 14.03
N SER E 189 0.05 19.29 12.79
CA SER E 189 1.17 18.65 12.11
C SER E 189 1.34 19.09 10.67
N VAL E 190 0.63 20.12 10.22
CA VAL E 190 0.90 20.66 8.91
C VAL E 190 2.36 21.06 8.85
N GLY E 191 3.06 20.60 7.82
CA GLY E 191 4.49 20.81 7.69
C GLY E 191 5.37 19.89 8.52
N LEU E 192 4.81 19.03 9.36
CA LEU E 192 5.60 18.18 10.26
C LEU E 192 5.39 16.69 10.06
N ASP E 193 4.22 16.27 9.59
CA ASP E 193 3.94 14.86 9.34
C ASP E 193 2.86 14.77 8.26
N ASP E 194 2.30 13.58 8.07
CA ASP E 194 1.54 13.30 6.85
C ASP E 194 0.11 13.81 6.85
N PHE E 195 -0.50 14.04 8.01
CA PHE E 195 -1.82 14.63 8.13
C PHE E 195 -1.69 16.02 8.72
N GLU E 196 -2.83 16.67 8.96
CA GLU E 196 -2.84 18.06 9.40
C GLU E 196 -2.97 18.22 10.90
N TRP E 197 -3.65 17.29 11.57
CA TRP E 197 -3.74 17.27 13.03
C TRP E 197 -3.59 15.85 13.56
N GLY E 198 -3.08 15.77 14.78
CA GLY E 198 -3.19 14.58 15.62
C GLY E 198 -4.24 14.80 16.67
N VAL E 199 -5.07 13.78 16.88
CA VAL E 199 -6.13 13.77 17.88
C VAL E 199 -5.81 12.70 18.90
N THR E 200 -5.56 13.10 20.15
CA THR E 200 -5.38 12.15 21.24
C THR E 200 -6.49 12.35 22.26
N LEU E 201 -7.19 11.28 22.60
CA LEU E 201 -8.27 11.29 23.58
C LEU E 201 -7.89 10.43 24.76
N PHE E 202 -8.21 10.91 25.96
CA PHE E 202 -7.95 10.22 27.23
C PHE E 202 -9.28 10.01 27.92
N SER E 203 -9.53 8.79 28.39
CA SER E 203 -10.77 8.56 29.11
C SER E 203 -10.62 7.34 29.99
N ASP E 204 -11.34 7.34 31.11
CA ASP E 204 -11.47 6.15 31.93
C ASP E 204 -12.51 5.16 31.40
N ASP E 205 -13.23 5.51 30.33
CA ASP E 205 -14.22 4.63 29.72
C ASP E 205 -14.01 4.64 28.21
N ALA E 206 -13.47 3.53 27.69
CA ALA E 206 -13.13 3.45 26.27
C ALA E 206 -14.34 3.65 25.38
N LEU E 207 -15.53 3.29 25.86
CA LEU E 207 -16.73 3.46 25.05
C LEU E 207 -16.95 4.93 24.71
N GLN E 208 -16.49 5.84 25.59
CA GLN E 208 -16.67 7.26 25.35
C GLN E 208 -15.93 7.72 24.09
N PHE E 209 -14.84 7.06 23.72
CA PHE E 209 -14.20 7.35 22.43
C PHE E 209 -15.19 7.14 21.29
N LYS E 210 -15.88 6.00 21.30
CA LYS E 210 -16.87 5.72 20.26
C LYS E 210 -18.04 6.70 20.33
N LYS E 211 -18.55 6.95 21.53
CA LYS E 211 -19.71 7.82 21.67
C LYS E 211 -19.40 9.22 21.15
N LEU E 212 -18.24 9.76 21.54
CA LEU E 212 -17.86 11.12 21.18
C LEU E 212 -17.59 11.25 19.69
N VAL E 213 -16.70 10.40 19.17
CA VAL E 213 -16.28 10.51 17.78
C VAL E 213 -17.45 10.28 16.84
N TYR E 214 -18.30 9.27 17.16
CA TYR E 214 -19.47 8.99 16.35
C TYR E 214 -20.48 10.14 16.42
N GLU E 215 -20.74 10.68 17.61
CA GLU E 215 -21.67 11.83 17.66
C GLU E 215 -21.12 13.02 16.88
N MET E 216 -19.80 13.28 16.99
CA MET E 216 -19.18 14.39 16.27
C MET E 216 -19.21 14.20 14.76
N ARG E 217 -19.29 12.95 14.29
CA ARG E 217 -19.33 12.73 12.85
C ARG E 217 -20.61 13.30 12.23
N PHE E 218 -21.65 13.58 13.01
CA PHE E 218 -22.85 14.23 12.53
C PHE E 218 -22.80 15.76 12.63
N ASP E 219 -21.77 16.34 13.26
CA ASP E 219 -21.53 17.77 13.11
C ASP E 219 -21.08 18.02 11.68
N GLU E 220 -21.50 19.15 11.11
CA GLU E 220 -21.20 19.41 9.71
C GLU E 220 -19.70 19.47 9.45
N VAL E 221 -18.92 20.03 10.39
CA VAL E 221 -17.48 20.12 10.15
C VAL E 221 -16.85 18.73 9.98
N SER E 222 -17.25 17.76 10.80
CA SER E 222 -16.70 16.42 10.65
C SER E 222 -17.33 15.69 9.47
N ALA E 223 -18.65 15.82 9.31
CA ALA E 223 -19.38 15.12 8.26
C ALA E 223 -18.86 15.50 6.88
N ARG E 224 -18.72 16.81 6.63
CA ARG E 224 -18.32 17.30 5.33
C ARG E 224 -16.82 17.40 5.15
N PHE E 225 -16.03 17.62 6.23
CA PHE E 225 -14.61 17.91 6.02
C PHE E 225 -13.64 16.92 6.68
N GLY E 226 -14.10 16.02 7.52
CA GLY E 226 -13.16 15.15 8.23
C GLY E 226 -12.57 14.12 7.29
N GLU E 227 -11.24 13.96 7.33
CA GLU E 227 -10.56 12.86 6.64
C GLU E 227 -9.66 12.19 7.66
N PHE E 228 -9.89 10.92 7.93
CA PHE E 228 -9.29 10.27 9.09
C PHE E 228 -8.27 9.22 8.69
N GLY E 229 -7.22 9.13 9.50
CA GLY E 229 -6.23 8.07 9.41
C GLY E 229 -6.61 6.87 10.25
N SER E 230 -5.59 6.12 10.68
CA SER E 230 -5.82 4.93 11.49
C SER E 230 -6.07 5.30 12.94
N PHE E 231 -6.87 4.47 13.62
CA PHE E 231 -7.26 4.67 15.01
C PHE E 231 -6.58 3.62 15.88
N PHE E 232 -5.94 4.08 16.94
CA PHE E 232 -5.23 3.22 17.87
C PHE E 232 -5.84 3.42 19.25
N VAL E 233 -6.22 2.33 19.92
N VAL E 233 -6.26 2.33 19.89
CA VAL E 233 -6.89 2.39 21.22
CA VAL E 233 -6.82 2.39 21.23
C VAL E 233 -6.15 1.48 22.20
C VAL E 233 -5.99 1.53 22.16
N GLY E 234 -5.88 1.98 23.41
CA GLY E 234 -5.07 1.24 24.33
C GLY E 234 -5.40 1.47 25.79
N THR E 235 -4.69 0.69 26.61
CA THR E 235 -4.89 0.60 28.05
C THR E 235 -3.61 1.04 28.76
N ARG E 236 -3.77 1.74 29.87
CA ARG E 236 -2.60 2.34 30.51
C ARG E 236 -1.67 1.24 31.01
N LEU E 237 -0.37 1.46 30.86
CA LEU E 237 0.65 0.55 31.35
C LEU E 237 1.37 1.21 32.51
N PRO E 238 0.95 0.98 33.76
CA PRO E 238 1.72 1.50 34.89
C PRO E 238 3.14 0.92 34.90
N MET E 239 4.11 1.75 35.27
CA MET E 239 5.48 1.27 35.25
C MET E 239 5.69 0.08 36.20
N GLU E 240 4.91 0.02 37.28
CA GLU E 240 5.00 -1.09 38.21
C GLU E 240 4.49 -2.40 37.61
N ASN E 241 3.84 -2.35 36.44
CA ASN E 241 3.36 -3.53 35.73
C ASN E 241 4.25 -3.93 34.57
N VAL E 242 5.27 -3.14 34.23
CA VAL E 242 6.08 -3.45 33.06
C VAL E 242 6.71 -4.83 33.20
N SER E 243 7.35 -5.09 34.34
CA SER E 243 7.96 -6.40 34.54
C SER E 243 6.96 -7.52 34.31
N SER E 244 5.75 -7.39 34.85
CA SER E 244 4.78 -8.45 34.66
C SER E 244 4.38 -8.58 33.19
N PHE E 245 4.24 -7.45 32.50
CA PHE E 245 3.77 -7.48 31.13
C PHE E 245 4.77 -8.21 30.23
N PHE E 246 6.05 -8.00 30.47
CA PHE E 246 7.10 -8.59 29.65
C PHE E 246 7.58 -9.94 30.18
N HIS E 247 6.95 -10.47 31.20
CA HIS E 247 7.35 -11.76 31.74
C HIS E 247 7.01 -12.87 30.76
N VAL E 248 7.97 -13.74 30.49
CA VAL E 248 7.75 -14.93 29.68
C VAL E 248 8.45 -16.13 30.37
#